data_8RKR
#
_entry.id   8RKR
#
_cell.length_a   71.914
_cell.length_b   85.158
_cell.length_c   85.615
_cell.angle_alpha   90.000
_cell.angle_beta   103.140
_cell.angle_gamma   90.000
#
_symmetry.space_group_name_H-M   'P 1 21 1'
#
loop_
_entity.id
_entity.type
_entity.pdbx_description
1 polymer 'Delta-1-pyrroline-5-carboxylate dehydrogenase, mitochondrial'
2 non-polymer (1R,5S,9S,16R,20R,24S,28S,35R)-22-(Dihydroxyphosphoryloxy)tridecacyclo[22.14.1.15,20.19,16.128,35.02,23.04,21.06,19.08,17.010,15.025,38.027,36.029,34]dotetraconta-2(23),3,6,8(17),10,12,14,18,21,25,27(36),29,31,33,37-pentadecaen-3-ol
3 non-polymer 'BENZOIC ACID'
4 water water
#
_entity_poly.entity_id   1
_entity_poly.type   'polypeptide(L)'
_entity_poly.pdbx_seq_one_letter_code
;MGSSHHHHHHSSGLVPRGSHMTGAGLRWKHTSSLKVANEPVLAFTQGSPERDALQKALKDLKGRMEAIPCVVGDEEVWTS
DVQYQVSPFNHGHKVAKFCYADKSLLNKAIEAALAARKEWDLKPIADRAQIFLKAADMLSGPRRAEILAKTMVGQGKTVI
QAEIDAAAELIDFFRFNAKYAVELEGQQPISVPPSTNSTVYRGLEGFVAAISPFNFTAIGGNLAGAPALMGNVVLWKPSD
TAMLASYAVYRILREAGLPPNIIQFVPADGPLFGDTVTSSEHLCGINFTGSVPTFKHLWKQVAQNLDRFHTFPRLAGECG
GKNFHFVHRSADVESVVSGTLRSAFEYGGQKCSACSRLYVPHSLWPQIKGRLLEEHSRIKVGDPAEDFGTFFSAVIDAKS
FARIKKWLEHARSSPSLTILAGGKCDDSVGYFVEPCIVESKDPQEPIMKEEIFGPVLSVYVYPDDKYKETLQLVDSTTSY
GLTGAVFSQDKDVVQEATKVLRNAAGNFYINDKSTGSIVGQQPFGGARASGTNDKPGGPHYILRWTSPQVIKETHKPLGD
WSYAYMQ
;
_entity_poly.pdbx_strand_id   A,B
#
loop_
_chem_comp.id
_chem_comp.type
_chem_comp.name
_chem_comp.formula
A1H1O non-polymer (1R,5S,9S,16R,20R,24S,28S,35R)-22-(Dihydroxyphosphoryloxy)tridecacyclo[22.14.1.15,20.19,16.128,35.02,23.04,21.06,19.08,17.010,15.025,38.027,36.029,34]dotetraconta-2(23),3,6,8(17),10,12,14,18,21,25,27(36),29,31,33,37-pentadecaen-3-ol 'C42 H31 O5 P'
BEZ non-polymer 'BENZOIC ACID' 'C7 H6 O2'
#
# COMPACT_ATOMS: atom_id res chain seq x y z
N VAL A 36 14.86 -11.74 18.15
CA VAL A 36 15.95 -10.83 17.72
C VAL A 36 15.95 -9.59 18.62
N ALA A 37 17.15 -9.19 19.04
CA ALA A 37 17.42 -7.98 19.83
C ALA A 37 17.99 -6.92 18.87
N ASN A 38 17.93 -5.69 19.26
CA ASN A 38 18.65 -4.61 18.56
C ASN A 38 20.15 -4.78 18.71
N GLU A 39 20.88 -4.43 17.67
CA GLU A 39 22.35 -4.46 17.70
C GLU A 39 22.82 -3.50 18.78
N PRO A 40 23.71 -3.92 19.71
CA PRO A 40 24.24 -2.95 20.66
C PRO A 40 25.05 -1.85 20.00
N VAL A 41 24.81 -0.64 20.48
CA VAL A 41 25.51 0.57 20.03
C VAL A 41 26.79 0.65 20.85
N LEU A 42 27.94 0.73 20.20
CA LEU A 42 29.23 0.78 20.93
C LEU A 42 29.58 2.21 21.33
N ALA A 43 30.43 2.34 22.34
CA ALA A 43 30.74 3.64 22.95
C ALA A 43 31.97 4.31 22.34
N PHE A 44 32.91 3.57 21.76
CA PHE A 44 34.11 4.13 21.11
C PHE A 44 34.96 4.99 22.06
N THR A 45 34.93 4.67 23.34
CA THR A 45 35.76 5.44 24.30
C THR A 45 37.23 5.05 24.18
N GLN A 46 38.09 5.97 24.60
CA GLN A 46 39.56 5.78 24.54
CA GLN A 46 39.56 5.78 24.52
C GLN A 46 39.89 4.43 25.17
N GLY A 47 40.66 3.62 24.47
CA GLY A 47 41.11 2.33 25.00
C GLY A 47 40.22 1.20 24.58
N SER A 48 39.10 1.47 23.92
CA SER A 48 38.16 0.41 23.48
C SER A 48 38.68 -0.20 22.19
N PRO A 49 38.33 -1.46 21.92
CA PRO A 49 38.76 -2.12 20.70
C PRO A 49 38.14 -1.43 19.46
N GLU A 50 36.88 -1.01 19.57
CA GLU A 50 36.17 -0.50 18.37
C GLU A 50 36.75 0.87 17.99
N ARG A 51 37.23 1.67 18.94
CA ARG A 51 37.85 2.96 18.62
C ARG A 51 39.16 2.69 17.87
N ASP A 52 39.97 1.74 18.35
CA ASP A 52 41.24 1.43 17.65
C ASP A 52 40.95 0.83 16.28
N ALA A 53 40.00 -0.08 16.19
CA ALA A 53 39.65 -0.70 14.91
C ALA A 53 39.18 0.36 13.91
N LEU A 54 38.39 1.32 14.37
CA LEU A 54 37.87 2.38 13.46
C LEU A 54 39.01 3.28 13.04
N GLN A 55 39.91 3.65 13.96
CA GLN A 55 41.08 4.49 13.60
CA GLN A 55 41.04 4.53 13.57
C GLN A 55 41.91 3.79 12.54
N LYS A 56 42.09 2.47 12.64
CA LYS A 56 42.87 1.73 11.62
C LYS A 56 42.14 1.73 10.29
N ALA A 57 40.83 1.59 10.30
CA ALA A 57 40.04 1.58 9.05
C ALA A 57 40.06 2.98 8.42
N LEU A 58 40.00 4.04 9.20
CA LEU A 58 40.08 5.41 8.67
C LEU A 58 41.46 5.59 8.03
N LYS A 59 42.51 5.14 8.71
CA LYS A 59 43.92 5.20 8.21
CA LYS A 59 43.88 5.31 8.16
C LYS A 59 43.99 4.51 6.86
N ASP A 60 43.31 3.37 6.75
CA ASP A 60 43.31 2.53 5.52
C ASP A 60 42.66 3.28 4.34
N LEU A 61 41.81 4.29 4.57
CA LEU A 61 41.13 5.05 3.50
C LEU A 61 41.86 6.34 3.14
N LYS A 62 42.69 6.84 4.06
CA LYS A 62 43.35 8.15 3.85
C LYS A 62 44.23 8.09 2.59
N GLY A 63 44.06 9.02 1.68
CA GLY A 63 44.86 9.11 0.44
C GLY A 63 44.63 7.91 -0.45
N ARG A 64 43.52 7.18 -0.32
CA ARG A 64 43.23 6.07 -1.22
C ARG A 64 41.88 6.30 -1.91
N MET A 65 41.72 5.73 -3.09
CA MET A 65 40.48 5.84 -3.90
C MET A 65 40.12 4.45 -4.38
N GLU A 66 38.84 4.10 -4.44
CA GLU A 66 38.34 2.84 -4.99
C GLU A 66 37.65 3.12 -6.32
N ALA A 67 37.89 2.30 -7.32
CA ALA A 67 37.18 2.34 -8.61
C ALA A 67 36.02 1.36 -8.48
N ILE A 68 34.82 1.92 -8.39
CA ILE A 68 33.55 1.21 -8.12
C ILE A 68 32.80 1.07 -9.44
N PRO A 69 32.67 -0.15 -9.95
CA PRO A 69 31.96 -0.37 -11.22
C PRO A 69 30.45 -0.45 -11.00
N CYS A 70 29.71 -0.37 -12.08
CA CYS A 70 28.34 -0.94 -12.06
C CYS A 70 28.45 -2.45 -12.03
N VAL A 71 27.50 -3.13 -11.39
CA VAL A 71 27.52 -4.59 -11.29
C VAL A 71 26.20 -5.14 -11.82
N VAL A 72 26.26 -5.89 -12.91
CA VAL A 72 25.10 -6.57 -13.48
C VAL A 72 25.37 -8.06 -13.39
N GLY A 73 24.62 -8.80 -12.59
CA GLY A 73 25.00 -10.18 -12.30
C GLY A 73 26.25 -10.18 -11.46
N ASP A 74 27.30 -10.80 -12.02
CA ASP A 74 28.66 -10.73 -11.42
C ASP A 74 29.60 -9.92 -12.28
N GLU A 75 29.10 -9.34 -13.35
CA GLU A 75 29.94 -8.59 -14.31
C GLU A 75 30.17 -7.17 -13.78
N GLU A 76 31.42 -6.74 -13.69
CA GLU A 76 31.78 -5.34 -13.39
C GLU A 76 31.75 -4.59 -14.72
N VAL A 77 30.94 -3.57 -14.87
CA VAL A 77 30.77 -2.82 -16.12
C VAL A 77 31.13 -1.37 -15.90
N TRP A 78 31.93 -0.80 -16.80
CA TRP A 78 32.31 0.62 -16.85
C TRP A 78 31.64 1.26 -18.06
N THR A 79 31.22 2.48 -17.91
CA THR A 79 30.87 3.37 -19.02
C THR A 79 31.91 4.48 -19.03
N SER A 80 31.85 5.35 -20.02
CA SER A 80 32.79 6.49 -20.17
C SER A 80 32.31 7.63 -19.28
N ASP A 81 31.13 7.51 -18.68
CA ASP A 81 30.50 8.61 -17.91
C ASP A 81 30.99 8.51 -16.47
N VAL A 82 32.28 8.75 -16.29
CA VAL A 82 32.95 8.59 -14.98
C VAL A 82 32.63 9.76 -14.08
N GLN A 83 32.55 9.46 -12.79
CA GLN A 83 32.16 10.38 -11.74
C GLN A 83 33.07 10.12 -10.53
N TYR A 84 33.21 11.10 -9.66
CA TYR A 84 34.01 11.00 -8.45
C TYR A 84 33.17 11.35 -7.24
N GLN A 85 33.34 10.59 -6.19
CA GLN A 85 32.88 10.94 -4.83
C GLN A 85 34.03 11.57 -4.07
N VAL A 86 33.80 12.66 -3.39
CA VAL A 86 34.84 13.33 -2.61
C VAL A 86 34.41 13.35 -1.14
N SER A 87 35.34 13.54 -0.27
CA SER A 87 35.05 13.69 1.16
CA SER A 87 35.08 13.72 1.19
C SER A 87 34.45 15.06 1.41
N PRO A 88 33.26 15.17 2.07
CA PRO A 88 32.63 16.48 2.22
C PRO A 88 33.43 17.50 3.02
N PHE A 89 34.23 17.03 3.95
CA PHE A 89 35.07 17.89 4.82
C PHE A 89 36.43 18.19 4.15
N ASN A 90 36.71 17.57 3.02
CA ASN A 90 38.01 17.77 2.34
C ASN A 90 37.77 17.46 0.88
N HIS A 91 37.11 18.36 0.18
CA HIS A 91 36.53 18.06 -1.15
C HIS A 91 37.62 17.95 -2.22
N GLY A 92 38.88 18.25 -1.88
CA GLY A 92 40.03 17.85 -2.70
C GLY A 92 40.34 16.36 -2.70
N HIS A 93 39.86 15.56 -1.75
CA HIS A 93 40.17 14.13 -1.58
C HIS A 93 39.07 13.37 -2.32
N LYS A 94 39.40 12.76 -3.44
CA LYS A 94 38.52 11.81 -4.14
C LYS A 94 38.60 10.51 -3.38
N VAL A 95 37.48 10.00 -2.90
CA VAL A 95 37.46 8.70 -2.17
C VAL A 95 37.04 7.56 -3.10
N ALA A 96 36.34 7.86 -4.21
CA ALA A 96 35.88 6.85 -5.15
C ALA A 96 35.74 7.43 -6.54
N LYS A 97 35.98 6.59 -7.51
CA LYS A 97 35.67 6.80 -8.93
C LYS A 97 34.59 5.80 -9.28
N PHE A 98 33.53 6.27 -9.92
CA PHE A 98 32.45 5.35 -10.32
C PHE A 98 31.97 5.80 -11.67
N CYS A 99 30.90 5.23 -12.17
CA CYS A 99 30.38 5.70 -13.46
C CYS A 99 28.86 5.56 -13.50
N TYR A 100 28.25 6.33 -14.37
CA TYR A 100 26.79 6.28 -14.56
C TYR A 100 26.45 5.25 -15.61
N ALA A 101 25.56 4.30 -15.27
CA ALA A 101 24.93 3.37 -16.23
C ALA A 101 24.20 4.18 -17.30
N ASP A 102 24.35 3.77 -18.56
CA ASP A 102 23.58 4.37 -19.66
C ASP A 102 22.30 3.58 -19.82
N LYS A 103 21.44 4.05 -20.71
CA LYS A 103 20.15 3.41 -20.99
C LYS A 103 20.36 1.93 -21.34
N SER A 104 21.34 1.63 -22.19
CA SER A 104 21.62 0.25 -22.62
CA SER A 104 21.64 0.24 -22.61
C SER A 104 21.94 -0.63 -21.40
N LEU A 105 22.81 -0.15 -20.52
CA LEU A 105 23.22 -0.99 -19.37
C LEU A 105 22.03 -1.17 -18.41
N LEU A 106 21.25 -0.11 -18.23
CA LEU A 106 20.06 -0.25 -17.34
C LEU A 106 19.09 -1.27 -17.91
N ASN A 107 18.90 -1.27 -19.22
CA ASN A 107 17.97 -2.23 -19.85
C ASN A 107 18.53 -3.63 -19.75
N LYS A 108 19.86 -3.78 -19.89
CA LYS A 108 20.51 -5.09 -19.77
C LYS A 108 20.34 -5.58 -18.31
N ALA A 109 20.45 -4.66 -17.35
CA ALA A 109 20.28 -4.98 -15.92
C ALA A 109 18.85 -5.47 -15.62
N ILE A 110 17.88 -4.82 -16.25
CA ILE A 110 16.46 -5.21 -16.12
C ILE A 110 16.28 -6.63 -16.65
N GLU A 111 16.71 -6.87 -17.90
CA GLU A 111 16.48 -8.21 -18.51
C GLU A 111 17.10 -9.31 -17.66
N ALA A 112 18.32 -9.06 -17.18
CA ALA A 112 19.04 -10.10 -16.43
C ALA A 112 18.37 -10.36 -15.07
N ALA A 113 17.93 -9.27 -14.41
CA ALA A 113 17.19 -9.38 -13.14
C ALA A 113 15.90 -10.18 -13.35
N LEU A 114 15.15 -9.87 -14.39
CA LEU A 114 13.87 -10.57 -14.65
C LEU A 114 14.16 -12.05 -14.85
N ALA A 115 15.22 -12.41 -15.58
CA ALA A 115 15.48 -13.85 -15.84
C ALA A 115 15.86 -14.57 -14.57
N ALA A 116 16.31 -13.88 -13.52
CA ALA A 116 16.73 -14.50 -12.25
C ALA A 116 15.56 -14.55 -11.25
N ARG A 117 14.47 -13.84 -11.55
CA ARG A 117 13.42 -13.59 -10.53
C ARG A 117 12.68 -14.86 -10.17
N LYS A 118 12.28 -15.69 -11.12
CA LYS A 118 11.38 -16.82 -10.76
C LYS A 118 12.03 -17.77 -9.76
N GLU A 119 13.30 -18.12 -9.99
CA GLU A 119 13.97 -19.05 -9.05
C GLU A 119 14.16 -18.40 -7.69
N TRP A 120 14.46 -17.11 -7.65
CA TRP A 120 14.66 -16.40 -6.37
C TRP A 120 13.34 -16.32 -5.58
N ASP A 121 12.26 -16.00 -6.27
CA ASP A 121 10.91 -15.94 -5.67
C ASP A 121 10.54 -17.31 -5.09
N LEU A 122 10.94 -18.41 -5.77
CA LEU A 122 10.61 -19.77 -5.31
C LEU A 122 11.53 -20.24 -4.18
N LYS A 123 12.66 -19.60 -3.93
CA LYS A 123 13.56 -19.96 -2.81
C LYS A 123 12.80 -19.71 -1.53
N PRO A 124 12.73 -20.66 -0.59
CA PRO A 124 12.00 -20.47 0.66
C PRO A 124 12.50 -19.23 1.41
N ILE A 125 11.58 -18.51 2.04
CA ILE A 125 11.93 -17.29 2.78
C ILE A 125 13.00 -17.58 3.83
N ALA A 126 13.04 -18.76 4.48
CA ALA A 126 14.11 -19.03 5.47
C ALA A 126 15.49 -18.91 4.81
N ASP A 127 15.59 -19.33 3.56
CA ASP A 127 16.87 -19.38 2.82
C ASP A 127 17.23 -17.98 2.36
N ARG A 128 16.24 -17.20 1.92
CA ARG A 128 16.51 -15.78 1.56
C ARG A 128 16.92 -15.03 2.83
N ALA A 129 16.24 -15.25 3.93
CA ALA A 129 16.53 -14.55 5.18
C ALA A 129 17.97 -14.84 5.65
N GLN A 130 18.42 -16.10 5.52
CA GLN A 130 19.76 -16.48 6.04
C GLN A 130 20.83 -15.60 5.39
N ILE A 131 20.67 -15.23 4.13
CA ILE A 131 21.65 -14.33 3.47
C ILE A 131 21.73 -13.00 4.22
N PHE A 132 20.59 -12.42 4.55
CA PHE A 132 20.54 -11.11 5.23
C PHE A 132 21.08 -11.24 6.66
N LEU A 133 20.81 -12.35 7.31
CA LEU A 133 21.31 -12.58 8.69
C LEU A 133 22.85 -12.74 8.65
N LYS A 134 23.38 -13.45 7.66
CA LYS A 134 24.85 -13.54 7.48
C LYS A 134 25.44 -12.16 7.22
N ALA A 135 24.82 -11.35 6.36
CA ALA A 135 25.27 -9.97 6.10
C ALA A 135 25.26 -9.18 7.41
N ALA A 136 24.20 -9.32 8.20
CA ALA A 136 24.12 -8.62 9.49
C ALA A 136 25.30 -9.03 10.41
N ASP A 137 25.63 -10.31 10.43
CA ASP A 137 26.74 -10.79 11.29
C ASP A 137 28.05 -10.17 10.82
N MET A 138 28.26 -10.09 9.52
CA MET A 138 29.49 -9.49 8.95
C MET A 138 29.58 -8.02 9.36
N LEU A 139 28.48 -7.27 9.21
CA LEU A 139 28.48 -5.84 9.55
C LEU A 139 28.72 -5.64 11.04
N SER A 140 28.20 -6.52 11.88
CA SER A 140 28.32 -6.40 13.35
C SER A 140 29.79 -6.59 13.78
N GLY A 141 30.44 -7.56 13.16
CA GLY A 141 31.80 -8.01 13.57
C GLY A 141 32.86 -7.50 12.60
N PRO A 142 33.30 -8.35 11.66
CA PRO A 142 34.54 -8.08 10.95
C PRO A 142 34.48 -6.89 10.00
N ARG A 143 33.28 -6.48 9.55
CA ARG A 143 33.19 -5.36 8.57
C ARG A 143 32.71 -4.08 9.25
N ARG A 144 32.56 -4.06 10.55
CA ARG A 144 31.99 -2.87 11.22
C ARG A 144 32.89 -1.67 11.01
N ALA A 145 34.19 -1.82 11.28
CA ALA A 145 35.09 -0.67 11.20
C ALA A 145 35.11 -0.12 9.77
N GLU A 146 35.16 -0.99 8.78
CA GLU A 146 35.15 -0.60 7.36
C GLU A 146 33.89 0.19 7.02
N ILE A 147 32.73 -0.31 7.39
CA ILE A 147 31.47 0.33 6.91
C ILE A 147 31.35 1.67 7.63
N LEU A 148 31.76 1.77 8.88
CA LEU A 148 31.75 3.05 9.62
C LEU A 148 32.74 4.00 8.96
N ALA A 149 33.97 3.56 8.67
CA ALA A 149 34.98 4.49 8.14
C ALA A 149 34.55 5.01 6.75
N LYS A 150 33.96 4.14 5.93
CA LYS A 150 33.52 4.56 4.56
C LYS A 150 32.35 5.56 4.64
N THR A 151 31.51 5.43 5.65
CA THR A 151 30.41 6.38 5.91
C THR A 151 30.96 7.70 6.44
N MET A 152 31.96 7.66 7.32
CA MET A 152 32.59 8.87 7.82
C MET A 152 33.27 9.61 6.70
N VAL A 153 34.15 8.94 5.95
CA VAL A 153 35.02 9.65 4.97
C VAL A 153 34.17 10.09 3.76
N GLY A 154 33.22 9.24 3.37
CA GLY A 154 32.46 9.48 2.15
C GLY A 154 31.26 10.39 2.34
N GLN A 155 30.62 10.32 3.50
CA GLN A 155 29.39 11.11 3.75
C GLN A 155 29.59 12.17 4.82
N GLY A 156 30.76 12.20 5.48
CA GLY A 156 31.08 13.22 6.49
C GLY A 156 30.47 13.03 7.85
N LYS A 157 30.07 11.81 8.15
CA LYS A 157 29.55 11.50 9.49
C LYS A 157 30.64 11.42 10.54
N THR A 158 30.28 11.79 11.74
CA THR A 158 31.09 11.50 12.95
C THR A 158 30.95 10.03 13.32
N VAL A 159 31.83 9.61 14.23
CA VAL A 159 31.87 8.22 14.70
C VAL A 159 30.47 7.75 15.08
N ILE A 160 29.83 8.49 16.00
CA ILE A 160 28.56 7.95 16.55
C ILE A 160 27.45 8.00 15.49
N GLN A 161 27.46 9.00 14.59
CA GLN A 161 26.44 9.00 13.50
C GLN A 161 26.66 7.84 12.54
N ALA A 162 27.92 7.51 12.28
CA ALA A 162 28.20 6.33 11.44
C ALA A 162 27.77 5.05 12.15
N GLU A 163 28.05 4.96 13.46
CA GLU A 163 27.74 3.74 14.22
C GLU A 163 26.24 3.51 14.25
N ILE A 164 25.43 4.54 14.51
CA ILE A 164 23.97 4.27 14.64
C ILE A 164 23.35 4.00 13.27
N ASP A 165 24.04 4.36 12.19
CA ASP A 165 23.50 4.21 10.81
C ASP A 165 24.05 2.91 10.21
N ALA A 166 25.30 2.97 9.78
CA ALA A 166 25.89 1.94 8.89
C ALA A 166 26.06 0.61 9.64
N ALA A 167 26.20 0.66 10.96
CA ALA A 167 26.19 -0.59 11.75
C ALA A 167 24.77 -0.80 12.28
N ALA A 168 24.38 -0.12 13.34
CA ALA A 168 23.21 -0.52 14.14
C ALA A 168 21.94 -0.57 13.31
N GLU A 169 21.62 0.52 12.60
CA GLU A 169 20.32 0.54 11.89
C GLU A 169 20.34 -0.46 10.76
N LEU A 170 21.41 -0.58 10.01
CA LEU A 170 21.41 -1.54 8.89
C LEU A 170 21.32 -2.97 9.39
N ILE A 171 22.12 -3.30 10.40
CA ILE A 171 22.02 -4.65 11.00
C ILE A 171 20.59 -4.91 11.47
N ASP A 172 20.02 -3.92 12.14
CA ASP A 172 18.65 -4.07 12.64
C ASP A 172 17.65 -4.27 11.51
N PHE A 173 17.71 -3.47 10.45
CA PHE A 173 16.83 -3.71 9.30
C PHE A 173 16.94 -5.16 8.81
N PHE A 174 18.16 -5.63 8.62
CA PHE A 174 18.36 -7.00 8.11
C PHE A 174 17.78 -8.01 9.08
N ARG A 175 18.08 -7.91 10.37
CA ARG A 175 17.61 -8.96 11.30
CA ARG A 175 17.61 -8.94 11.33
C ARG A 175 16.09 -8.84 11.51
N PHE A 176 15.59 -7.63 11.72
CA PHE A 176 14.15 -7.48 12.01
C PHE A 176 13.32 -7.82 10.78
N ASN A 177 13.69 -7.37 9.58
CA ASN A 177 12.88 -7.70 8.40
C ASN A 177 12.88 -9.22 8.16
N ALA A 178 14.01 -9.88 8.39
CA ALA A 178 14.08 -11.36 8.29
C ALA A 178 13.08 -11.98 9.28
N LYS A 179 13.06 -11.51 10.52
CA LYS A 179 12.15 -12.04 11.55
C LYS A 179 10.72 -11.81 11.05
N TYR A 180 10.39 -10.61 10.60
CA TYR A 180 9.01 -10.28 10.19
C TYR A 180 8.59 -11.13 8.99
N ALA A 181 9.49 -11.42 8.06
CA ALA A 181 9.17 -12.18 6.84
C ALA A 181 8.91 -13.64 7.20
N VAL A 182 9.69 -14.18 8.11
CA VAL A 182 9.47 -15.58 8.53
C VAL A 182 8.15 -15.62 9.33
N GLU A 183 7.83 -14.62 10.15
CA GLU A 183 6.56 -14.57 10.91
C GLU A 183 5.38 -14.47 9.94
N LEU A 184 5.51 -13.70 8.87
CA LEU A 184 4.40 -13.48 7.91
C LEU A 184 3.98 -14.82 7.31
N GLU A 185 4.93 -15.68 6.98
CA GLU A 185 4.65 -17.01 6.42
C GLU A 185 3.59 -17.76 7.27
N GLY A 186 3.60 -17.57 8.59
CA GLY A 186 2.67 -18.25 9.51
C GLY A 186 1.27 -17.67 9.47
N GLN A 187 1.04 -16.52 8.82
CA GLN A 187 -0.29 -15.87 8.72
C GLN A 187 -1.02 -16.58 7.59
N GLN A 188 -1.89 -17.53 7.93
CA GLN A 188 -2.50 -18.46 6.96
C GLN A 188 -4.00 -18.47 7.18
N PRO A 189 -4.78 -18.72 6.12
CA PRO A 189 -6.23 -18.71 6.23
C PRO A 189 -6.82 -19.96 6.91
N ILE A 190 -8.13 -19.88 7.16
CA ILE A 190 -8.95 -20.98 7.76
C ILE A 190 -9.17 -22.04 6.67
N SER A 191 -8.95 -23.33 6.99
CA SER A 191 -9.34 -24.49 6.14
C SER A 191 -10.63 -25.08 6.73
N VAL A 192 -11.63 -25.31 5.90
CA VAL A 192 -12.90 -25.95 6.30
C VAL A 192 -13.08 -27.12 5.35
N PRO A 193 -13.31 -28.34 5.87
CA PRO A 193 -13.58 -29.47 4.97
C PRO A 193 -14.70 -29.10 4.00
N PRO A 194 -14.64 -29.49 2.73
CA PRO A 194 -13.67 -30.46 2.18
C PRO A 194 -12.40 -29.87 1.53
N SER A 195 -11.94 -28.69 2.00
CA SER A 195 -10.90 -27.93 1.30
C SER A 195 -9.78 -27.49 2.23
N THR A 196 -8.59 -27.37 1.66
CA THR A 196 -7.39 -26.86 2.32
C THR A 196 -7.04 -25.53 1.66
N ASN A 197 -6.85 -24.50 2.48
CA ASN A 197 -6.50 -23.15 1.98
C ASN A 197 -5.11 -22.78 2.45
N SER A 198 -4.39 -22.05 1.62
CA SER A 198 -3.04 -21.57 1.99
C SER A 198 -2.77 -20.24 1.30
N THR A 199 -1.87 -19.48 1.87
CA THR A 199 -1.40 -18.22 1.27
C THR A 199 0.06 -18.42 0.90
N VAL A 200 0.36 -18.03 -0.31
CA VAL A 200 1.74 -18.00 -0.84
C VAL A 200 2.15 -16.55 -0.96
N TYR A 201 3.16 -16.13 -0.24
CA TYR A 201 3.60 -14.71 -0.25
C TYR A 201 4.55 -14.49 -1.42
N ARG A 202 3.97 -14.42 -2.59
CA ARG A 202 4.72 -14.20 -3.83
C ARG A 202 5.45 -12.86 -3.80
N GLY A 203 6.65 -12.81 -4.32
CA GLY A 203 7.22 -11.50 -4.66
C GLY A 203 6.43 -10.85 -5.78
N LEU A 204 6.66 -9.56 -6.00
CA LEU A 204 6.00 -8.83 -7.10
C LEU A 204 6.57 -9.34 -8.41
N GLU A 205 5.75 -9.41 -9.43
CA GLU A 205 6.15 -9.89 -10.76
C GLU A 205 6.65 -8.68 -11.56
N GLY A 206 7.94 -8.67 -11.87
CA GLY A 206 8.61 -7.52 -12.49
C GLY A 206 9.90 -7.24 -11.76
N PHE A 207 10.35 -5.99 -11.84
CA PHE A 207 11.52 -5.56 -11.02
C PHE A 207 11.14 -4.33 -10.22
N VAL A 208 11.87 -4.15 -9.14
CA VAL A 208 11.73 -2.98 -8.26
C VAL A 208 12.92 -2.05 -8.51
N ALA A 209 12.66 -0.77 -8.58
CA ALA A 209 13.75 0.23 -8.62
C ALA A 209 13.96 0.79 -7.22
N ALA A 210 15.16 0.69 -6.66
CA ALA A 210 15.50 1.23 -5.33
C ALA A 210 16.35 2.47 -5.55
N ILE A 211 15.95 3.61 -5.01
CA ILE A 211 16.62 4.92 -5.19
C ILE A 211 16.91 5.46 -3.82
N SER A 212 18.16 5.44 -3.42
CA SER A 212 18.53 5.64 -2.01
C SER A 212 19.22 7.00 -1.85
N PRO A 213 19.11 7.57 -0.64
CA PRO A 213 19.62 8.91 -0.38
C PRO A 213 21.06 8.94 0.15
N PHE A 214 21.62 10.13 0.18
CA PHE A 214 23.02 10.25 0.59
C PHE A 214 23.20 10.00 2.07
N ASN A 215 22.15 10.28 2.88
CA ASN A 215 22.37 10.66 4.27
C ASN A 215 22.39 9.48 5.22
N PHE A 216 21.97 8.29 4.82
CA PHE A 216 22.05 7.08 5.68
C PHE A 216 22.48 5.91 4.81
N THR A 217 23.64 5.35 5.13
CA THR A 217 24.10 4.12 4.49
C THR A 217 23.03 3.00 4.66
N ALA A 218 22.41 2.95 5.82
CA ALA A 218 21.46 1.86 6.15
C ALA A 218 20.24 1.92 5.23
N ILE A 219 19.81 3.11 4.84
CA ILE A 219 18.55 3.24 4.06
C ILE A 219 18.72 2.60 2.70
N GLY A 220 19.90 2.74 2.10
CA GLY A 220 20.14 2.05 0.82
C GLY A 220 20.05 0.55 0.99
N GLY A 221 20.64 0.02 2.07
CA GLY A 221 20.52 -1.41 2.38
C GLY A 221 19.07 -1.86 2.50
N ASN A 222 18.23 -1.08 3.19
CA ASN A 222 16.82 -1.44 3.37
C ASN A 222 16.04 -1.28 2.06
N LEU A 223 16.27 -0.22 1.31
CA LEU A 223 15.43 0.06 0.12
C LEU A 223 15.61 -1.03 -0.93
N ALA A 224 16.86 -1.49 -1.08
CA ALA A 224 17.15 -2.59 -2.00
C ALA A 224 16.95 -3.94 -1.32
N GLY A 225 17.30 -4.05 -0.05
CA GLY A 225 17.32 -5.35 0.64
C GLY A 225 15.93 -5.85 1.01
N ALA A 226 15.03 -4.99 1.51
CA ALA A 226 13.73 -5.48 1.95
C ALA A 226 12.95 -6.04 0.76
N PRO A 227 12.87 -5.39 -0.43
CA PRO A 227 12.19 -6.02 -1.55
C PRO A 227 12.89 -7.34 -1.95
N ALA A 228 14.22 -7.35 -1.98
CA ALA A 228 14.93 -8.60 -2.36
C ALA A 228 14.62 -9.73 -1.39
N LEU A 229 14.56 -9.46 -0.09
CA LEU A 229 14.18 -10.46 0.94
C LEU A 229 12.84 -11.10 0.59
N MET A 230 11.90 -10.29 0.08
CA MET A 230 10.53 -10.74 -0.20
C MET A 230 10.42 -11.34 -1.59
N GLY A 231 11.54 -11.73 -2.20
CA GLY A 231 11.46 -12.49 -3.47
C GLY A 231 11.46 -11.61 -4.71
N ASN A 232 11.77 -10.33 -4.56
CA ASN A 232 11.87 -9.40 -5.70
C ASN A 232 13.32 -9.33 -6.21
N VAL A 233 13.42 -8.87 -7.46
CA VAL A 233 14.72 -8.42 -8.04
C VAL A 233 14.71 -6.91 -8.21
N VAL A 234 15.90 -6.32 -8.11
CA VAL A 234 16.05 -4.91 -7.80
C VAL A 234 17.12 -4.29 -8.71
N LEU A 235 16.84 -3.12 -9.26
CA LEU A 235 17.87 -2.20 -9.75
C LEU A 235 18.09 -1.16 -8.67
N TRP A 236 19.28 -1.12 -8.05
CA TRP A 236 19.64 -0.18 -6.98
C TRP A 236 20.47 0.93 -7.58
N LYS A 237 19.95 2.15 -7.59
CA LYS A 237 20.68 3.37 -7.90
C LYS A 237 21.05 4.04 -6.60
N PRO A 238 22.29 3.84 -6.09
CA PRO A 238 22.69 4.48 -4.85
C PRO A 238 22.98 5.96 -5.07
N SER A 239 23.08 6.73 -4.01
CA SER A 239 23.37 8.16 -4.06
C SER A 239 24.86 8.36 -4.40
N ASP A 240 25.13 9.27 -5.31
CA ASP A 240 26.51 9.58 -5.76
C ASP A 240 27.37 9.90 -4.55
N THR A 241 26.88 10.65 -3.58
CA THR A 241 27.71 11.16 -2.48
C THR A 241 27.81 10.14 -1.32
N ALA A 242 27.24 8.96 -1.48
CA ALA A 242 27.36 7.84 -0.52
C ALA A 242 27.91 6.61 -1.24
N MET A 243 28.56 6.73 -2.39
CA MET A 243 28.89 5.56 -3.24
C MET A 243 29.84 4.58 -2.52
N LEU A 244 30.86 5.06 -1.85
CA LEU A 244 31.88 4.18 -1.22
C LEU A 244 31.23 3.24 -0.22
N ALA A 245 30.41 3.78 0.68
CA ALA A 245 29.76 2.94 1.70
C ALA A 245 28.64 2.12 1.09
N SER A 246 27.93 2.65 0.09
CA SER A 246 26.84 1.87 -0.53
C SER A 246 27.38 0.63 -1.25
N TYR A 247 28.53 0.76 -1.90
CA TYR A 247 29.14 -0.38 -2.61
C TYR A 247 29.63 -1.39 -1.59
N ALA A 248 30.10 -0.91 -0.43
CA ALA A 248 30.52 -1.82 0.64
C ALA A 248 29.34 -2.66 1.13
N VAL A 249 28.15 -2.04 1.23
CA VAL A 249 26.93 -2.80 1.60
C VAL A 249 26.64 -3.83 0.53
N TYR A 250 26.67 -3.42 -0.73
CA TYR A 250 26.42 -4.33 -1.85
C TYR A 250 27.37 -5.54 -1.80
N ARG A 251 28.65 -5.27 -1.63
CA ARG A 251 29.64 -6.38 -1.64
C ARG A 251 29.41 -7.30 -0.47
N ILE A 252 29.06 -6.78 0.68
CA ILE A 252 28.78 -7.64 1.86
C ILE A 252 27.59 -8.54 1.53
N LEU A 253 26.54 -7.99 0.93
CA LEU A 253 25.38 -8.82 0.58
C LEU A 253 25.80 -9.93 -0.38
N ARG A 254 26.60 -9.62 -1.39
CA ARG A 254 27.03 -10.66 -2.34
C ARG A 254 27.89 -11.68 -1.58
N GLU A 255 28.80 -11.25 -0.72
CA GLU A 255 29.69 -12.22 -0.02
C GLU A 255 28.87 -13.04 0.96
N ALA A 256 27.74 -12.55 1.44
CA ALA A 256 26.85 -13.27 2.36
C ALA A 256 26.01 -14.31 1.61
N GLY A 257 26.08 -14.35 0.29
CA GLY A 257 25.43 -15.37 -0.53
C GLY A 257 24.34 -14.85 -1.45
N LEU A 258 24.12 -13.54 -1.53
CA LEU A 258 23.07 -13.08 -2.47
C LEU A 258 23.42 -13.52 -3.88
N PRO A 259 22.54 -14.26 -4.58
CA PRO A 259 22.84 -14.73 -5.93
C PRO A 259 22.98 -13.59 -6.91
N PRO A 260 23.60 -13.82 -8.07
CA PRO A 260 23.70 -12.79 -9.08
C PRO A 260 22.31 -12.42 -9.60
N ASN A 261 22.20 -11.17 -10.01
CA ASN A 261 21.05 -10.59 -10.73
C ASN A 261 19.86 -10.38 -9.80
N ILE A 262 20.04 -10.48 -8.50
CA ILE A 262 18.96 -10.18 -7.53
C ILE A 262 18.96 -8.70 -7.22
N ILE A 263 20.12 -8.13 -6.92
CA ILE A 263 20.30 -6.68 -6.83
C ILE A 263 21.38 -6.29 -7.85
N GLN A 264 21.02 -5.44 -8.78
CA GLN A 264 21.95 -4.86 -9.77
C GLN A 264 22.42 -3.52 -9.20
N PHE A 265 23.73 -3.29 -9.15
CA PHE A 265 24.35 -2.07 -8.57
C PHE A 265 24.54 -1.11 -9.73
N VAL A 266 23.66 -0.13 -9.88
CA VAL A 266 23.58 0.73 -11.09
C VAL A 266 23.46 2.18 -10.71
N PRO A 267 24.55 2.78 -10.22
CA PRO A 267 24.63 4.24 -10.19
C PRO A 267 24.31 4.80 -11.59
N ALA A 268 23.66 5.95 -11.57
CA ALA A 268 23.18 6.60 -12.80
C ALA A 268 22.77 8.02 -12.51
N ASP A 269 22.68 8.82 -13.57
CA ASP A 269 21.98 10.12 -13.51
C ASP A 269 20.52 9.90 -13.03
N GLY A 270 20.09 10.73 -12.10
CA GLY A 270 18.75 10.54 -11.49
C GLY A 270 17.65 10.56 -12.55
N PRO A 271 17.57 11.66 -13.36
CA PRO A 271 16.53 11.74 -14.38
C PRO A 271 16.57 10.56 -15.33
N LEU A 272 17.75 10.17 -15.83
CA LEU A 272 17.84 9.07 -16.80
C LEU A 272 17.38 7.76 -16.16
N PHE A 273 17.83 7.47 -14.94
CA PHE A 273 17.39 6.26 -14.24
C PHE A 273 15.85 6.23 -14.12
N GLY A 274 15.27 7.34 -13.68
CA GLY A 274 13.81 7.38 -13.51
C GLY A 274 13.11 7.18 -14.84
N ASP A 275 13.61 7.82 -15.88
CA ASP A 275 13.01 7.69 -17.21
C ASP A 275 13.05 6.24 -17.67
N THR A 276 14.19 5.59 -17.47
CA THR A 276 14.41 4.23 -17.96
C THR A 276 13.49 3.28 -17.20
N VAL A 277 13.46 3.35 -15.87
CA VAL A 277 12.71 2.30 -15.14
C VAL A 277 11.21 2.56 -15.34
N THR A 278 10.77 3.82 -15.46
CA THR A 278 9.32 4.10 -15.60
C THR A 278 8.86 3.81 -17.02
N SER A 279 9.76 3.72 -17.98
CA SER A 279 9.45 3.29 -19.37
C SER A 279 9.40 1.77 -19.50
N SER A 280 9.89 1.00 -18.54
CA SER A 280 9.89 -0.47 -18.66
C SER A 280 8.51 -1.02 -18.34
N GLU A 281 7.95 -1.85 -19.19
CA GLU A 281 6.64 -2.50 -18.93
C GLU A 281 6.76 -3.43 -17.72
N HIS A 282 7.99 -3.76 -17.32
CA HIS A 282 8.24 -4.75 -16.24
C HIS A 282 8.38 -4.08 -14.88
N LEU A 283 8.28 -2.78 -14.78
CA LEU A 283 8.41 -2.13 -13.47
C LEU A 283 7.24 -2.57 -12.58
N CYS A 284 7.55 -3.03 -11.38
CA CYS A 284 6.50 -3.41 -10.41
C CYS A 284 6.62 -2.63 -9.10
N GLY A 285 7.62 -1.79 -8.92
CA GLY A 285 7.70 -0.98 -7.69
C GLY A 285 8.84 0.00 -7.76
N ILE A 286 8.68 1.06 -7.02
CA ILE A 286 9.79 2.03 -6.77
C ILE A 286 9.85 2.18 -5.26
N ASN A 287 11.02 2.01 -4.70
CA ASN A 287 11.30 2.18 -3.27
C ASN A 287 12.24 3.37 -3.16
N PHE A 288 11.73 4.53 -2.75
CA PHE A 288 12.46 5.80 -2.87
C PHE A 288 12.61 6.44 -1.48
N THR A 289 13.73 7.10 -1.27
CA THR A 289 13.88 8.05 -0.14
C THR A 289 14.63 9.26 -0.69
N GLY A 290 14.11 10.45 -0.42
CA GLY A 290 14.71 11.67 -0.99
C GLY A 290 13.71 12.79 -1.00
N SER A 291 13.79 13.65 -2.01
CA SER A 291 12.99 14.89 -2.05
C SER A 291 11.53 14.61 -2.48
N VAL A 292 10.59 15.42 -2.02
CA VAL A 292 9.18 15.28 -2.47
CA VAL A 292 9.16 15.45 -2.45
C VAL A 292 9.10 15.55 -3.97
N PRO A 293 9.76 16.57 -4.58
CA PRO A 293 9.55 16.78 -6.01
C PRO A 293 9.98 15.59 -6.85
N THR A 294 11.07 14.92 -6.48
CA THR A 294 11.55 13.78 -7.27
C THR A 294 10.52 12.64 -7.15
N PHE A 295 10.05 12.37 -5.92
CA PHE A 295 9.04 11.31 -5.75
C PHE A 295 7.78 11.62 -6.56
N LYS A 296 7.32 12.85 -6.50
CA LYS A 296 6.08 13.18 -7.26
C LYS A 296 6.35 13.07 -8.78
N HIS A 297 7.55 13.43 -9.25
CA HIS A 297 7.88 13.26 -10.68
C HIS A 297 7.82 11.79 -11.08
N LEU A 298 8.39 10.92 -10.27
CA LEU A 298 8.36 9.49 -10.59
C LEU A 298 6.92 8.96 -10.61
N TRP A 299 6.12 9.42 -9.64
CA TRP A 299 4.69 9.01 -9.58
C TRP A 299 3.99 9.44 -10.86
N LYS A 300 4.25 10.67 -11.31
CA LYS A 300 3.65 11.16 -12.57
C LYS A 300 4.15 10.36 -13.77
N GLN A 301 5.41 9.97 -13.80
CA GLN A 301 5.91 9.20 -14.95
C GLN A 301 5.28 7.81 -14.97
N VAL A 302 5.10 7.18 -13.81
CA VAL A 302 4.42 5.87 -13.76
C VAL A 302 2.98 6.05 -14.25
N ALA A 303 2.29 7.07 -13.79
CA ALA A 303 0.89 7.25 -14.24
C ALA A 303 0.82 7.49 -15.74
N GLN A 304 1.76 8.25 -16.29
CA GLN A 304 1.80 8.57 -17.73
C GLN A 304 1.92 7.26 -18.52
N ASN A 305 2.62 6.27 -18.01
CA ASN A 305 2.90 5.00 -18.73
C ASN A 305 2.02 3.86 -18.28
N LEU A 306 0.92 4.18 -17.55
CA LEU A 306 0.22 3.14 -16.82
C LEU A 306 -0.37 2.09 -17.75
N ASP A 307 -0.71 2.46 -18.99
CA ASP A 307 -1.29 1.50 -19.94
C ASP A 307 -0.28 0.43 -20.36
N ARG A 308 1.02 0.69 -20.25
CA ARG A 308 2.00 -0.31 -20.76
C ARG A 308 2.42 -1.31 -19.68
N PHE A 309 2.33 -0.98 -18.39
CA PHE A 309 2.86 -1.90 -17.39
C PHE A 309 2.07 -3.20 -17.35
N HIS A 310 2.73 -4.31 -17.18
CA HIS A 310 2.02 -5.59 -16.98
C HIS A 310 1.19 -5.57 -15.70
N THR A 311 1.65 -4.89 -14.65
CA THR A 311 0.79 -4.71 -13.44
C THR A 311 0.95 -3.32 -12.92
N PHE A 312 0.20 -2.98 -11.88
CA PHE A 312 0.20 -1.64 -11.26
C PHE A 312 1.42 -1.49 -10.37
N PRO A 313 2.40 -0.64 -10.73
CA PRO A 313 3.55 -0.49 -9.87
C PRO A 313 3.19 0.04 -8.48
N ARG A 314 3.94 -0.36 -7.48
CA ARG A 314 3.79 0.10 -6.08
C ARG A 314 4.85 1.15 -5.77
N LEU A 315 4.48 2.35 -5.45
CA LEU A 315 5.41 3.42 -5.14
C LEU A 315 5.48 3.61 -3.65
N ALA A 316 6.67 3.58 -3.09
CA ALA A 316 6.92 3.82 -1.67
C ALA A 316 7.89 5.00 -1.60
N GLY A 317 7.55 6.04 -0.86
CA GLY A 317 8.37 7.26 -0.80
C GLY A 317 8.48 7.73 0.62
N GLU A 318 9.70 7.93 1.09
CA GLU A 318 9.99 8.68 2.34
C GLU A 318 10.56 10.00 1.90
N CYS A 319 9.94 11.05 2.31
N CYS A 319 9.90 11.16 2.16
CA CYS A 319 10.45 12.33 1.87
CA CYS A 319 10.06 12.47 1.41
C CYS A 319 10.71 13.11 3.15
C CYS A 319 10.42 13.72 2.26
N GLY A 320 10.67 14.40 2.97
N GLY A 320 10.75 13.58 3.55
CA GLY A 320 11.16 15.35 3.96
CA GLY A 320 11.29 14.71 4.33
C GLY A 320 10.19 15.63 5.08
C GLY A 320 10.28 15.34 5.29
N GLY A 321 10.71 16.40 5.99
CA GLY A 321 9.97 16.93 7.14
C GLY A 321 10.33 18.36 7.41
N LYS A 322 9.49 19.03 8.15
CA LYS A 322 9.81 20.31 8.80
C LYS A 322 9.47 20.14 10.26
N ASN A 323 10.33 19.48 10.98
CA ASN A 323 9.97 18.82 12.25
C ASN A 323 10.08 19.79 13.42
N PHE A 324 9.22 19.59 14.41
CA PHE A 324 9.08 20.53 15.54
C PHE A 324 9.58 19.92 16.84
N HIS A 325 10.05 20.79 17.75
CA HIS A 325 10.15 20.55 19.21
C HIS A 325 9.26 21.63 19.87
N PHE A 326 8.17 21.20 20.49
CA PHE A 326 7.23 22.10 21.22
C PHE A 326 7.50 22.03 22.71
N VAL A 327 7.78 23.18 23.32
CA VAL A 327 8.13 23.27 24.75
C VAL A 327 6.97 23.88 25.51
N HIS A 328 6.47 23.17 26.51
CA HIS A 328 5.52 23.73 27.49
C HIS A 328 6.32 24.30 28.64
N ARG A 329 5.72 25.25 29.38
CA ARG A 329 6.44 25.94 30.48
C ARG A 329 6.87 24.98 31.61
N SER A 330 6.30 23.79 31.70
CA SER A 330 6.63 22.75 32.69
C SER A 330 7.82 21.87 32.27
N ALA A 331 8.43 22.14 31.11
CA ALA A 331 9.48 21.26 30.56
C ALA A 331 10.75 21.27 31.41
N ASP A 332 11.48 20.18 31.35
CA ASP A 332 12.86 20.09 31.86
CA ASP A 332 12.86 20.09 31.87
C ASP A 332 13.75 20.87 30.89
N VAL A 333 14.23 22.04 31.28
CA VAL A 333 15.01 22.92 30.36
C VAL A 333 16.25 22.19 29.86
N GLU A 334 16.98 21.47 30.69
CA GLU A 334 18.25 20.88 30.20
C GLU A 334 17.96 19.83 29.15
N SER A 335 16.88 19.07 29.29
CA SER A 335 16.49 18.06 28.26
C SER A 335 16.08 18.78 26.98
N VAL A 336 15.36 19.88 27.08
CA VAL A 336 15.06 20.69 25.86
C VAL A 336 16.35 21.08 25.19
N VAL A 337 17.31 21.59 25.94
CA VAL A 337 18.54 22.16 25.35
C VAL A 337 19.32 21.03 24.68
N SER A 338 19.57 19.94 25.38
CA SER A 338 20.42 18.87 24.79
CA SER A 338 20.41 18.82 24.83
C SER A 338 19.68 18.16 23.65
N GLY A 339 18.40 17.85 23.83
CA GLY A 339 17.62 17.18 22.78
C GLY A 339 17.51 18.03 21.53
N THR A 340 17.34 19.33 21.69
CA THR A 340 17.19 20.26 20.56
C THR A 340 18.53 20.43 19.84
N LEU A 341 19.62 20.57 20.58
CA LEU A 341 20.94 20.72 19.93
C LEU A 341 21.24 19.44 19.15
N ARG A 342 20.95 18.26 19.71
CA ARG A 342 21.23 17.02 18.94
C ARG A 342 20.31 16.93 17.75
N SER A 343 19.01 17.11 17.94
CA SER A 343 18.06 16.94 16.82
C SER A 343 18.36 17.93 15.70
N ALA A 344 18.65 19.18 16.03
CA ALA A 344 18.83 20.21 15.00
C ALA A 344 20.17 20.05 14.29
N PHE A 345 21.21 19.63 15.00
CA PHE A 345 22.58 19.84 14.48
C PHE A 345 23.33 18.54 14.25
N GLU A 346 22.95 17.40 14.81
CA GLU A 346 23.73 16.19 14.52
C GLU A 346 23.69 15.95 13.02
N TYR A 347 24.81 15.44 12.46
CA TYR A 347 24.97 15.26 11.00
C TYR A 347 24.56 16.55 10.27
N GLY A 348 24.85 17.70 10.83
CA GLY A 348 24.59 18.98 10.18
C GLY A 348 23.11 19.21 9.93
N GLY A 349 22.21 18.55 10.68
CA GLY A 349 20.76 18.67 10.42
C GLY A 349 20.33 17.98 9.16
N GLN A 350 21.15 17.09 8.61
CA GLN A 350 20.87 16.47 7.30
C GLN A 350 20.07 15.19 7.49
N LYS A 351 18.92 15.34 8.14
CA LYS A 351 18.02 14.22 8.44
C LYS A 351 16.61 14.66 8.17
N CYS A 352 15.82 13.80 7.56
CA CYS A 352 14.39 14.11 7.37
CA CYS A 352 14.37 14.03 7.37
C CYS A 352 13.65 14.26 8.70
N SER A 353 14.24 13.82 9.80
CA SER A 353 13.67 13.80 11.18
C SER A 353 14.17 14.96 12.02
N ALA A 354 15.12 15.74 11.51
CA ALA A 354 15.80 16.76 12.31
C ALA A 354 14.86 17.88 12.74
N CYS A 355 14.95 18.33 13.98
CA CYS A 355 14.20 19.49 14.47
C CYS A 355 14.68 20.74 13.74
N SER A 356 13.80 21.45 13.09
CA SER A 356 14.12 22.74 12.47
C SER A 356 13.20 23.86 12.96
N ARG A 357 12.19 23.56 13.78
CA ARG A 357 11.34 24.61 14.39
C ARG A 357 11.16 24.29 15.85
N LEU A 358 11.53 25.23 16.68
CA LEU A 358 11.48 25.15 18.15
C LEU A 358 10.46 26.18 18.62
N TYR A 359 9.47 25.75 19.38
CA TYR A 359 8.41 26.62 19.94
C TYR A 359 8.61 26.72 21.46
N VAL A 360 8.90 27.93 21.95
CA VAL A 360 9.30 28.13 23.36
C VAL A 360 8.35 29.16 23.99
N PRO A 361 7.85 28.90 25.22
CA PRO A 361 7.00 29.89 25.89
C PRO A 361 7.87 31.04 26.39
N HIS A 362 7.31 32.24 26.35
CA HIS A 362 7.98 33.48 26.80
CA HIS A 362 8.03 33.46 26.79
C HIS A 362 8.61 33.30 28.19
N SER A 363 7.92 32.64 29.13
CA SER A 363 8.44 32.53 30.52
C SER A 363 9.75 31.75 30.57
N LEU A 364 10.02 30.82 29.63
CA LEU A 364 11.27 30.00 29.67
C LEU A 364 12.29 30.54 28.68
N TRP A 365 11.95 31.50 27.85
CA TRP A 365 12.82 31.88 26.71
C TRP A 365 14.13 32.49 27.19
N PRO A 366 14.19 33.43 28.16
CA PRO A 366 15.50 33.96 28.56
C PRO A 366 16.43 32.82 29.01
N GLN A 367 15.90 31.88 29.75
CA GLN A 367 16.65 30.71 30.25
C GLN A 367 17.13 29.83 29.07
N ILE A 368 16.21 29.41 28.21
CA ILE A 368 16.55 28.51 27.09
C ILE A 368 17.47 29.24 26.12
N LYS A 369 17.21 30.49 25.79
CA LYS A 369 18.10 31.23 24.88
C LYS A 369 19.52 31.24 25.46
N GLY A 370 19.66 31.55 26.74
CA GLY A 370 20.99 31.67 27.35
C GLY A 370 21.71 30.33 27.27
N ARG A 371 21.04 29.23 27.59
CA ARG A 371 21.66 27.89 27.57
C ARG A 371 21.99 27.52 26.13
N LEU A 372 21.09 27.72 25.18
CA LEU A 372 21.35 27.39 23.78
C LEU A 372 22.59 28.16 23.30
N LEU A 373 22.71 29.43 23.63
CA LEU A 373 23.85 30.24 23.12
C LEU A 373 25.16 29.81 23.80
N GLU A 374 25.12 29.46 25.07
CA GLU A 374 26.32 28.96 25.78
C GLU A 374 26.75 27.64 25.15
N GLU A 375 25.85 26.69 25.00
CA GLU A 375 26.24 25.38 24.40
C GLU A 375 26.64 25.53 22.94
N HIS A 376 25.98 26.40 22.19
CA HIS A 376 26.32 26.65 20.78
C HIS A 376 27.81 26.96 20.66
N SER A 377 28.32 27.81 21.54
CA SER A 377 29.72 28.28 21.48
C SER A 377 30.67 27.10 21.72
N ARG A 378 30.21 26.00 22.34
CA ARG A 378 31.05 24.81 22.69
C ARG A 378 31.00 23.75 21.60
N ILE A 379 30.16 23.89 20.59
CA ILE A 379 30.05 22.92 19.47
C ILE A 379 31.26 23.03 18.56
N LYS A 380 31.94 21.91 18.37
CA LYS A 380 33.11 21.81 17.44
C LYS A 380 32.64 21.31 16.08
N VAL A 381 32.95 22.04 15.03
CA VAL A 381 32.76 21.61 13.62
C VAL A 381 34.13 21.38 13.01
N GLY A 382 34.37 20.24 12.40
CA GLY A 382 35.70 19.94 11.89
C GLY A 382 35.73 18.64 11.17
N ASP A 383 36.92 18.12 10.95
CA ASP A 383 37.19 16.85 10.25
C ASP A 383 36.88 15.72 11.22
N PRO A 384 35.87 14.87 10.95
CA PRO A 384 35.46 13.84 11.90
C PRO A 384 36.40 12.64 12.00
N ALA A 385 37.22 12.44 10.99
CA ALA A 385 38.21 11.34 10.99
C ALA A 385 39.42 11.78 11.81
N GLU A 386 39.83 13.04 11.70
CA GLU A 386 41.07 13.52 12.37
CA GLU A 386 41.06 13.57 12.36
C GLU A 386 40.75 13.98 13.80
N ASP A 387 39.53 14.41 14.06
CA ASP A 387 39.22 14.98 15.39
C ASP A 387 37.93 14.38 15.90
N PHE A 388 38.04 13.39 16.75
CA PHE A 388 36.85 12.72 17.35
C PHE A 388 36.12 13.67 18.31
N GLY A 389 36.64 14.85 18.63
CA GLY A 389 35.86 15.83 19.42
C GLY A 389 34.81 16.55 18.58
N THR A 390 34.83 16.38 17.26
CA THR A 390 33.89 17.05 16.34
C THR A 390 32.44 16.67 16.69
N PHE A 391 31.58 17.65 16.86
CA PHE A 391 30.14 17.34 17.06
C PHE A 391 29.50 16.98 15.73
N PHE A 392 29.71 17.80 14.71
CA PHE A 392 29.31 17.47 13.33
C PHE A 392 30.28 18.10 12.36
N SER A 393 30.24 17.63 11.13
CA SER A 393 31.20 18.08 10.09
C SER A 393 30.47 18.81 8.97
N ALA A 394 31.16 18.97 7.85
CA ALA A 394 30.66 19.62 6.63
C ALA A 394 29.37 18.95 6.17
N VAL A 395 28.57 19.72 5.46
CA VAL A 395 27.38 19.18 4.78
C VAL A 395 27.83 18.48 3.50
N ILE A 396 26.90 17.83 2.82
CA ILE A 396 27.31 16.72 1.94
C ILE A 396 28.00 17.21 0.68
N ASP A 397 27.59 18.30 0.07
CA ASP A 397 28.09 18.63 -1.27
C ASP A 397 27.84 20.11 -1.55
N ALA A 398 28.32 20.55 -2.71
CA ALA A 398 28.24 21.98 -3.07
C ALA A 398 26.80 22.43 -3.25
N LYS A 399 25.95 21.59 -3.82
CA LYS A 399 24.55 21.98 -4.06
C LYS A 399 23.87 22.24 -2.71
N SER A 400 24.10 21.36 -1.75
CA SER A 400 23.49 21.52 -0.43
C SER A 400 24.07 22.76 0.24
N PHE A 401 25.38 22.92 0.22
CA PHE A 401 26.06 24.11 0.74
C PHE A 401 25.39 25.36 0.18
N ALA A 402 25.18 25.43 -1.14
CA ALA A 402 24.59 26.63 -1.76
C ALA A 402 23.18 26.87 -1.26
N ARG A 403 22.36 25.84 -1.14
CA ARG A 403 20.98 26.01 -0.61
CA ARG A 403 20.98 25.99 -0.60
C ARG A 403 21.04 26.55 0.83
N ILE A 404 21.90 25.99 1.64
CA ILE A 404 22.00 26.46 3.05
C ILE A 404 22.48 27.90 3.09
N LYS A 405 23.52 28.22 2.30
CA LYS A 405 24.04 29.61 2.28
C LYS A 405 22.92 30.57 1.86
N LYS A 406 22.08 30.17 0.94
CA LYS A 406 20.94 31.02 0.49
C LYS A 406 19.99 31.25 1.67
N TRP A 407 19.61 30.20 2.40
CA TRP A 407 18.77 30.37 3.61
C TRP A 407 19.46 31.26 4.65
N LEU A 408 20.77 31.15 4.83
CA LEU A 408 21.46 32.00 5.82
C LEU A 408 21.41 33.46 5.35
N GLU A 409 21.46 33.69 4.04
CA GLU A 409 21.25 35.07 3.54
C GLU A 409 19.83 35.53 3.87
N HIS A 410 18.83 34.70 3.63
CA HIS A 410 17.43 35.03 3.99
C HIS A 410 17.36 35.36 5.48
N ALA A 411 18.05 34.61 6.33
CA ALA A 411 17.93 34.82 7.79
C ALA A 411 18.48 36.18 8.20
N ARG A 412 19.43 36.77 7.43
CA ARG A 412 20.04 38.08 7.83
C ARG A 412 19.38 39.19 7.05
N SER A 413 18.41 38.92 6.17
CA SER A 413 17.80 39.96 5.32
C SER A 413 16.28 39.88 5.32
N SER A 414 15.63 39.37 6.36
CA SER A 414 14.16 39.20 6.41
CA SER A 414 14.15 39.21 6.41
C SER A 414 13.62 39.98 7.59
N PRO A 415 12.61 40.85 7.41
CA PRO A 415 12.15 41.67 8.52
C PRO A 415 11.79 40.95 9.83
N SER A 416 11.24 39.74 9.76
CA SER A 416 10.81 39.05 11.01
CA SER A 416 10.76 38.97 10.93
C SER A 416 11.91 38.13 11.56
N LEU A 417 13.08 38.04 10.93
CA LEU A 417 14.12 37.07 11.36
C LEU A 417 15.30 37.79 12.00
N THR A 418 15.92 37.15 12.96
CA THR A 418 17.22 37.58 13.49
C THR A 418 18.08 36.33 13.66
N ILE A 419 19.37 36.46 13.39
CA ILE A 419 20.32 35.36 13.67
C ILE A 419 20.78 35.51 15.11
N LEU A 420 20.55 34.53 15.94
CA LEU A 420 20.99 34.54 17.34
C LEU A 420 22.40 33.99 17.50
N ALA A 421 22.81 33.04 16.66
CA ALA A 421 24.10 32.37 16.79
C ALA A 421 24.44 31.81 15.43
N GLY A 422 25.73 31.73 15.12
CA GLY A 422 26.19 31.21 13.83
C GLY A 422 25.85 32.16 12.69
N GLY A 423 25.69 31.62 11.51
CA GLY A 423 25.29 32.34 10.30
C GLY A 423 26.36 32.32 9.23
N LYS A 424 27.57 31.82 9.53
CA LYS A 424 28.65 31.81 8.51
C LYS A 424 28.87 30.41 7.97
N CYS A 425 29.56 30.39 6.85
CA CYS A 425 29.89 29.14 6.14
C CYS A 425 31.17 29.39 5.35
N ASP A 426 31.88 28.33 5.02
CA ASP A 426 33.20 28.43 4.35
C ASP A 426 33.38 27.15 3.53
N ASP A 427 33.44 27.26 2.21
CA ASP A 427 33.63 26.10 1.30
C ASP A 427 35.07 25.98 0.79
N SER A 428 36.01 26.61 1.44
CA SER A 428 37.40 26.62 0.89
C SER A 428 38.07 25.25 1.00
N VAL A 429 37.77 24.44 2.01
CA VAL A 429 38.42 23.12 2.27
C VAL A 429 37.37 22.02 2.18
N GLY A 430 36.29 22.20 2.96
CA GLY A 430 35.11 21.33 2.99
C GLY A 430 33.87 22.16 2.85
N TYR A 431 32.70 21.53 2.82
CA TYR A 431 31.42 22.28 2.77
C TYR A 431 30.98 22.64 4.18
N PHE A 432 31.74 23.51 4.85
CA PHE A 432 31.53 23.76 6.28
C PHE A 432 30.53 24.88 6.55
N VAL A 433 29.51 24.54 7.32
CA VAL A 433 28.47 25.49 7.80
C VAL A 433 28.45 25.48 9.33
N GLU A 434 28.49 26.65 9.94
CA GLU A 434 28.35 26.75 11.39
C GLU A 434 26.93 26.37 11.78
N PRO A 435 26.69 25.80 12.98
CA PRO A 435 25.32 25.65 13.44
C PRO A 435 24.72 27.06 13.54
N CYS A 436 23.48 27.20 13.13
CA CYS A 436 22.82 28.53 13.14
C CYS A 436 21.50 28.45 13.89
N ILE A 437 21.27 29.43 14.76
CA ILE A 437 19.97 29.60 15.47
C ILE A 437 19.37 30.91 15.01
N VAL A 438 18.17 30.84 14.48
CA VAL A 438 17.42 32.00 13.95
C VAL A 438 16.16 32.17 14.79
N GLU A 439 15.84 33.38 15.21
CA GLU A 439 14.51 33.67 15.82
C GLU A 439 13.60 34.26 14.76
N SER A 440 12.39 33.73 14.62
CA SER A 440 11.34 34.34 13.81
C SER A 440 10.30 34.96 14.73
N LYS A 441 9.91 36.19 14.44
CA LYS A 441 8.71 36.78 15.08
C LYS A 441 7.44 36.35 14.37
N ASP A 442 7.54 35.75 13.20
CA ASP A 442 6.38 35.35 12.37
C ASP A 442 6.35 33.82 12.38
N PRO A 443 5.32 33.20 12.98
CA PRO A 443 5.31 31.74 13.03
C PRO A 443 5.05 31.10 11.66
N GLN A 444 4.66 31.87 10.64
CA GLN A 444 4.37 31.41 9.26
C GLN A 444 5.49 31.82 8.30
N GLU A 445 6.63 32.29 8.80
CA GLU A 445 7.73 32.73 7.90
C GLU A 445 8.16 31.54 7.05
N PRO A 446 8.61 31.75 5.80
CA PRO A 446 9.14 30.64 5.01
C PRO A 446 10.18 29.77 5.72
N ILE A 447 11.01 30.35 6.56
CA ILE A 447 12.03 29.54 7.24
C ILE A 447 11.39 28.58 8.24
N MET A 448 10.17 28.84 8.66
CA MET A 448 9.44 27.93 9.59
C MET A 448 8.74 26.82 8.81
N LYS A 449 8.71 26.88 7.47
CA LYS A 449 7.91 25.97 6.63
C LYS A 449 8.76 25.08 5.75
N GLU A 450 9.88 25.59 5.25
CA GLU A 450 10.59 24.92 4.15
C GLU A 450 11.77 24.12 4.68
N GLU A 451 11.95 22.92 4.18
CA GLU A 451 13.02 22.00 4.65
C GLU A 451 14.36 22.49 4.10
N ILE A 452 15.31 22.80 4.98
CA ILE A 452 16.65 23.31 4.60
C ILE A 452 17.64 22.14 4.50
N PHE A 453 17.53 21.12 5.34
CA PHE A 453 18.49 19.98 5.33
C PHE A 453 19.90 20.51 5.61
N GLY A 454 20.00 21.39 6.59
CA GLY A 454 21.27 21.88 7.07
C GLY A 454 21.11 22.28 8.51
N PRO A 455 22.17 22.82 9.14
CA PRO A 455 22.16 23.01 10.59
C PRO A 455 21.58 24.37 10.97
N VAL A 456 20.27 24.52 10.68
CA VAL A 456 19.59 25.83 10.81
C VAL A 456 18.30 25.64 11.61
N LEU A 457 18.33 26.10 12.86
CA LEU A 457 17.20 25.92 13.80
C LEU A 457 16.44 27.23 13.85
N SER A 458 15.14 27.22 13.61
CA SER A 458 14.28 28.41 13.71
C SER A 458 13.48 28.33 14.99
N VAL A 459 13.39 29.44 15.71
CA VAL A 459 12.74 29.55 17.03
C VAL A 459 11.60 30.56 16.99
N TYR A 460 10.45 30.13 17.43
CA TYR A 460 9.28 31.03 17.63
C TYR A 460 8.94 31.04 19.12
N VAL A 461 8.88 32.25 19.70
CA VAL A 461 8.57 32.40 21.13
C VAL A 461 7.10 32.80 21.25
N TYR A 462 6.34 32.02 22.03
CA TYR A 462 4.89 32.21 22.12
C TYR A 462 4.52 32.63 23.53
N PRO A 463 3.38 33.35 23.70
CA PRO A 463 2.94 33.71 25.06
C PRO A 463 2.45 32.50 25.82
N ASP A 464 2.85 32.32 27.07
CA ASP A 464 2.45 31.16 27.87
C ASP A 464 0.95 30.92 27.80
N ASP A 465 0.17 31.99 27.90
CA ASP A 465 -1.31 32.02 27.92
CA ASP A 465 -1.30 31.78 28.01
C ASP A 465 -1.91 31.44 26.63
N LYS A 466 -1.09 31.38 25.58
CA LYS A 466 -1.53 31.02 24.21
C LYS A 466 -0.94 29.65 23.84
N TYR A 467 -0.63 28.79 24.80
CA TYR A 467 0.00 27.50 24.44
C TYR A 467 -0.99 26.68 23.61
N LYS A 468 -2.29 26.75 23.87
CA LYS A 468 -3.28 25.95 23.12
C LYS A 468 -3.34 26.43 21.67
N GLU A 469 -3.40 27.73 21.41
CA GLU A 469 -3.40 28.30 20.05
C GLU A 469 -2.07 27.90 19.37
N THR A 470 -1.00 27.84 20.13
CA THR A 470 0.34 27.54 19.56
C THR A 470 0.42 26.08 19.14
N LEU A 471 -0.18 25.17 19.89
CA LEU A 471 -0.29 23.74 19.50
C LEU A 471 -0.96 23.68 18.13
N GLN A 472 -2.04 24.44 17.92
CA GLN A 472 -2.71 24.45 16.61
C GLN A 472 -1.78 24.99 15.54
N LEU A 473 -0.98 26.05 15.82
CA LEU A 473 -0.02 26.57 14.83
C LEU A 473 0.99 25.49 14.48
N VAL A 474 1.42 24.71 15.45
CA VAL A 474 2.40 23.63 15.15
C VAL A 474 1.82 22.72 14.08
N ASP A 475 0.56 22.35 14.29
CA ASP A 475 -0.18 21.44 13.39
C ASP A 475 -0.43 22.07 12.01
N SER A 476 -0.73 23.37 11.94
CA SER A 476 -1.26 23.97 10.69
C SER A 476 -0.19 24.66 9.85
N THR A 477 1.03 24.88 10.34
CA THR A 477 1.97 25.80 9.66
C THR A 477 2.57 25.22 8.37
N THR A 478 3.02 23.98 8.42
CA THR A 478 3.80 23.36 7.33
C THR A 478 2.99 22.36 6.53
N SER A 479 3.59 21.85 5.47
CA SER A 479 3.04 20.81 4.57
CA SER A 479 2.97 20.81 4.62
C SER A 479 3.36 19.40 5.09
N TYR A 480 4.18 19.28 6.13
CA TYR A 480 4.84 18.01 6.44
C TYR A 480 4.25 17.36 7.67
N GLY A 481 4.54 16.07 7.85
CA GLY A 481 3.93 15.29 8.93
C GLY A 481 4.87 14.25 9.49
N LEU A 482 6.16 14.54 9.60
CA LEU A 482 7.13 13.43 9.84
C LEU A 482 7.40 13.29 11.34
N THR A 483 8.25 14.10 11.96
CA THR A 483 8.58 13.92 13.37
C THR A 483 8.24 15.17 14.17
N GLY A 484 8.11 14.98 15.48
CA GLY A 484 7.90 16.11 16.38
C GLY A 484 7.95 15.66 17.79
N ALA A 485 8.26 16.57 18.68
CA ALA A 485 8.39 16.26 20.12
C ALA A 485 7.59 17.29 20.90
N VAL A 486 7.07 16.86 22.04
CA VAL A 486 6.58 17.76 23.11
CA VAL A 486 6.53 17.72 23.12
C VAL A 486 7.41 17.54 24.36
N PHE A 487 7.88 18.63 24.92
CA PHE A 487 8.60 18.63 26.20
C PHE A 487 7.67 19.28 27.23
N SER A 488 7.23 18.45 28.16
CA SER A 488 6.26 18.84 29.21
C SER A 488 6.37 17.86 30.37
N GLN A 489 6.47 18.36 31.59
CA GLN A 489 6.29 17.46 32.77
C GLN A 489 4.82 17.49 33.20
N ASP A 490 4.02 18.40 32.68
CA ASP A 490 2.54 18.40 32.93
C ASP A 490 1.91 17.30 32.07
N LYS A 491 1.38 16.25 32.68
CA LYS A 491 0.90 15.05 31.94
C LYS A 491 -0.43 15.38 31.25
N ASP A 492 -1.23 16.33 31.73
CA ASP A 492 -2.48 16.75 31.05
C ASP A 492 -2.10 17.45 29.73
N VAL A 493 -1.07 18.29 29.75
CA VAL A 493 -0.63 18.97 28.51
C VAL A 493 -0.08 17.92 27.54
N VAL A 494 0.62 16.91 28.02
CA VAL A 494 1.11 15.82 27.15
C VAL A 494 -0.07 15.14 26.47
N GLN A 495 -1.12 14.77 27.21
CA GLN A 495 -2.36 14.17 26.65
CA GLN A 495 -2.28 14.11 26.57
C GLN A 495 -2.97 15.09 25.60
N GLU A 496 -3.11 16.35 25.96
CA GLU A 496 -3.73 17.38 25.09
C GLU A 496 -2.93 17.50 23.79
N ALA A 497 -1.61 17.69 23.91
CA ALA A 497 -0.74 17.86 22.72
C ALA A 497 -0.77 16.59 21.87
N THR A 498 -0.82 15.42 22.49
CA THR A 498 -0.87 14.15 21.75
C THR A 498 -2.09 14.15 20.82
N LYS A 499 -3.26 14.57 21.33
CA LYS A 499 -4.47 14.59 20.51
C LYS A 499 -4.35 15.67 19.44
N VAL A 500 -3.95 16.88 19.80
CA VAL A 500 -3.90 17.99 18.82
C VAL A 500 -2.95 17.65 17.65
N LEU A 501 -1.82 17.01 17.97
CA LEU A 501 -0.72 16.81 17.01
C LEU A 501 -0.76 15.40 16.40
N ARG A 502 -1.87 14.70 16.49
CA ARG A 502 -2.05 13.30 15.98
C ARG A 502 -1.55 13.19 14.54
N ASN A 503 -1.86 14.14 13.65
CA ASN A 503 -1.45 14.06 12.23
C ASN A 503 -0.30 15.02 11.90
N ALA A 504 0.25 15.70 12.88
CA ALA A 504 1.43 16.58 12.66
C ALA A 504 2.74 15.77 12.67
N ALA A 505 2.74 14.55 13.19
CA ALA A 505 3.95 13.74 13.26
C ALA A 505 3.60 12.27 13.23
N GLY A 506 4.19 11.52 12.33
CA GLY A 506 4.08 10.04 12.31
C GLY A 506 4.98 9.38 13.33
N ASN A 507 6.04 10.07 13.73
CA ASN A 507 6.91 9.67 14.85
C ASN A 507 6.89 10.81 15.84
N PHE A 508 6.16 10.60 16.93
CA PHE A 508 5.87 11.63 17.94
C PHE A 508 6.59 11.26 19.23
N TYR A 509 7.22 12.22 19.84
CA TYR A 509 8.14 12.00 20.97
C TYR A 509 7.68 12.84 22.14
N ILE A 510 7.64 12.21 23.31
CA ILE A 510 7.26 12.86 24.59
C ILE A 510 8.51 12.92 25.45
N ASN A 511 9.06 14.12 25.60
CA ASN A 511 10.28 14.34 26.43
C ASN A 511 11.44 13.57 25.82
N ASP A 512 11.54 13.57 24.50
CA ASP A 512 12.76 13.08 23.83
C ASP A 512 12.91 13.84 22.51
N LYS A 513 14.06 13.73 21.92
CA LYS A 513 14.36 14.43 20.67
C LYS A 513 13.69 13.74 19.48
N SER A 514 13.55 14.50 18.39
CA SER A 514 12.77 14.07 17.22
C SER A 514 13.53 13.18 16.24
N THR A 515 14.80 12.94 16.45
CA THR A 515 15.62 12.05 15.59
C THR A 515 15.94 10.74 16.27
N GLY A 516 16.44 9.78 15.51
CA GLY A 516 17.07 8.60 16.11
C GLY A 516 16.10 7.46 16.32
N SER A 517 15.10 7.31 15.47
CA SER A 517 14.22 6.13 15.54
C SER A 517 15.06 4.85 15.51
N ILE A 518 14.64 3.86 16.26
CA ILE A 518 15.33 2.56 16.35
C ILE A 518 14.41 1.50 15.78
N VAL A 519 14.92 0.71 14.85
CA VAL A 519 14.14 -0.39 14.23
C VAL A 519 13.50 -1.28 15.31
N GLY A 520 12.23 -1.63 15.12
CA GLY A 520 11.52 -2.51 16.05
C GLY A 520 10.98 -1.78 17.26
N GLN A 521 11.46 -0.60 17.53
CA GLN A 521 11.02 0.23 18.67
C GLN A 521 10.20 1.42 18.20
N GLN A 522 10.72 2.17 17.21
CA GLN A 522 9.96 3.31 16.63
C GLN A 522 9.91 3.10 15.13
N PRO A 523 9.02 2.25 14.58
CA PRO A 523 8.84 2.18 13.11
C PRO A 523 8.68 3.61 12.59
N PHE A 524 9.30 3.90 11.46
CA PHE A 524 9.54 5.30 11.06
C PHE A 524 8.76 5.70 9.80
N GLY A 525 8.14 6.86 9.85
CA GLY A 525 7.50 7.46 8.66
C GLY A 525 6.36 8.34 9.06
N GLY A 526 5.93 9.17 8.11
CA GLY A 526 4.75 9.99 8.35
C GLY A 526 4.11 10.35 7.02
N ALA A 527 2.95 10.96 7.18
CA ALA A 527 2.07 11.31 6.06
C ALA A 527 2.14 12.81 5.75
N ARG A 528 1.02 13.42 5.40
CA ARG A 528 1.02 14.77 4.76
C ARG A 528 2.02 14.69 3.61
N ALA A 529 2.87 15.69 3.41
CA ALA A 529 3.78 15.68 2.25
C ALA A 529 5.00 14.81 2.51
N SER A 530 5.14 14.21 3.68
CA SER A 530 6.35 13.44 4.07
C SER A 530 6.42 12.04 3.44
N GLY A 531 5.41 11.58 2.73
CA GLY A 531 5.52 10.35 1.92
C GLY A 531 4.34 9.43 2.15
N THR A 532 4.53 8.19 1.80
CA THR A 532 3.47 7.17 1.77
C THR A 532 3.31 6.49 3.13
N ASN A 533 4.21 6.71 4.07
CA ASN A 533 4.16 6.19 5.44
C ASN A 533 4.00 4.66 5.51
N ASP A 534 4.93 3.93 4.96
CA ASP A 534 4.90 2.45 4.97
C ASP A 534 5.62 1.90 6.19
N LYS A 535 6.12 2.75 7.08
CA LYS A 535 6.71 2.35 8.38
C LYS A 535 7.78 1.27 8.23
N PRO A 536 8.85 1.52 7.45
CA PRO A 536 10.05 0.72 7.58
C PRO A 536 10.54 0.75 9.04
N GLY A 537 11.01 -0.41 9.53
CA GLY A 537 11.37 -0.56 10.94
C GLY A 537 10.26 -1.23 11.72
N GLY A 538 9.09 -1.43 11.13
CA GLY A 538 8.01 -2.18 11.75
C GLY A 538 7.60 -3.38 10.93
N PRO A 539 6.63 -4.17 11.43
CA PRO A 539 6.30 -5.48 10.89
C PRO A 539 5.52 -5.45 9.58
N HIS A 540 4.95 -4.33 9.23
CA HIS A 540 4.03 -4.25 8.07
C HIS A 540 4.76 -3.80 6.80
N TYR A 541 5.92 -3.18 6.90
CA TYR A 541 6.62 -2.61 5.73
C TYR A 541 6.80 -3.65 4.64
N ILE A 542 7.16 -4.89 5.00
CA ILE A 542 7.44 -5.96 4.00
C ILE A 542 6.19 -6.31 3.23
N LEU A 543 4.98 -6.02 3.73
CA LEU A 543 3.73 -6.34 2.99
C LEU A 543 3.62 -5.53 1.69
N ARG A 544 4.35 -4.42 1.56
CA ARG A 544 4.32 -3.66 0.30
C ARG A 544 5.02 -4.43 -0.80
N TRP A 545 5.87 -5.40 -0.43
CA TRP A 545 6.78 -6.06 -1.41
C TRP A 545 6.36 -7.50 -1.69
N THR A 546 5.16 -7.88 -1.27
CA THR A 546 4.54 -9.18 -1.60
C THR A 546 3.17 -8.95 -2.19
N SER A 547 2.82 -9.75 -3.17
CA SER A 547 1.48 -9.77 -3.81
C SER A 547 0.92 -11.16 -3.57
N PRO A 548 0.20 -11.43 -2.46
CA PRO A 548 -0.14 -12.80 -2.11
C PRO A 548 -1.05 -13.53 -3.11
N GLN A 549 -0.83 -14.84 -3.17
CA GLN A 549 -1.70 -15.79 -3.88
C GLN A 549 -2.35 -16.66 -2.81
N VAL A 550 -3.61 -16.98 -3.03
CA VAL A 550 -4.31 -17.92 -2.14
C VAL A 550 -4.73 -19.14 -2.95
N ILE A 551 -4.37 -20.29 -2.41
CA ILE A 551 -4.67 -21.60 -3.05
C ILE A 551 -5.75 -22.29 -2.19
N LYS A 552 -6.79 -22.76 -2.87
CA LYS A 552 -7.81 -23.63 -2.29
C LYS A 552 -7.73 -24.95 -3.04
N GLU A 553 -7.53 -26.00 -2.27
CA GLU A 553 -7.52 -27.38 -2.81
C GLU A 553 -8.72 -28.15 -2.23
N THR A 554 -9.55 -28.67 -3.09
CA THR A 554 -10.79 -29.36 -2.64
C THR A 554 -10.53 -30.87 -2.85
N HIS A 555 -10.85 -31.65 -1.82
CA HIS A 555 -10.38 -33.06 -1.73
C HIS A 555 -11.48 -34.02 -2.11
N LYS A 556 -12.69 -33.56 -2.39
CA LYS A 556 -13.82 -34.45 -2.73
C LYS A 556 -14.53 -33.92 -3.95
N PRO A 557 -15.16 -34.81 -4.72
CA PRO A 557 -15.88 -34.40 -5.92
C PRO A 557 -16.94 -33.33 -5.63
N LEU A 558 -17.21 -32.50 -6.65
CA LEU A 558 -18.05 -31.30 -6.45
C LEU A 558 -19.56 -31.55 -6.49
N GLY A 559 -20.03 -32.66 -7.02
CA GLY A 559 -21.49 -32.88 -7.05
C GLY A 559 -22.22 -32.09 -8.12
N ASP A 560 -23.54 -31.92 -7.98
CA ASP A 560 -24.43 -31.36 -9.02
C ASP A 560 -24.20 -29.85 -9.16
N TRP A 561 -24.37 -29.31 -10.36
CA TRP A 561 -24.34 -27.82 -10.55
C TRP A 561 -25.60 -27.16 -10.00
N SER A 562 -26.74 -27.85 -10.05
CA SER A 562 -28.02 -27.32 -9.54
CA SER A 562 -28.01 -27.29 -9.54
C SER A 562 -27.96 -27.25 -8.00
N TYR A 563 -28.93 -26.61 -7.40
CA TYR A 563 -29.03 -26.51 -5.94
C TYR A 563 -30.35 -27.13 -5.50
N ALA A 564 -30.35 -27.70 -4.29
CA ALA A 564 -31.53 -28.41 -3.74
C ALA A 564 -32.76 -27.50 -3.78
N TYR A 565 -32.64 -26.21 -3.49
CA TYR A 565 -33.81 -25.31 -3.36
C TYR A 565 -34.49 -25.08 -4.71
N MET A 566 -33.76 -25.36 -5.80
CA MET A 566 -34.28 -25.13 -7.17
C MET A 566 -35.20 -26.28 -7.64
N GLN A 567 -35.27 -27.38 -6.89
CA GLN A 567 -35.97 -28.60 -7.37
C GLN A 567 -37.48 -28.43 -7.18
N VAL B 36 -14.75 -15.44 15.82
CA VAL B 36 -15.76 -15.19 14.74
CA VAL B 36 -15.70 -15.15 14.69
C VAL B 36 -15.70 -16.34 13.73
N ALA B 37 -16.89 -16.77 13.30
CA ALA B 37 -17.04 -17.84 12.30
C ALA B 37 -17.75 -17.22 11.10
N ASN B 38 -17.59 -17.89 9.98
CA ASN B 38 -18.36 -17.52 8.77
C ASN B 38 -19.87 -17.66 9.02
N GLU B 39 -20.62 -16.78 8.42
CA GLU B 39 -22.10 -16.83 8.48
C GLU B 39 -22.54 -18.12 7.79
N PRO B 40 -23.42 -18.94 8.40
CA PRO B 40 -23.91 -20.11 7.71
C PRO B 40 -24.78 -19.74 6.51
N VAL B 41 -24.58 -20.41 5.41
CA VAL B 41 -25.40 -20.27 4.19
C VAL B 41 -26.66 -21.12 4.33
N LEU B 42 -27.82 -20.50 4.19
CA LEU B 42 -29.10 -21.25 4.39
C LEU B 42 -29.48 -21.97 3.10
N ALA B 43 -30.27 -23.02 3.28
CA ALA B 43 -30.61 -23.95 2.19
C ALA B 43 -31.86 -23.50 1.44
N PHE B 44 -32.76 -22.74 2.05
CA PHE B 44 -34.02 -22.29 1.39
C PHE B 44 -34.84 -23.48 0.89
N THR B 45 -34.90 -24.55 1.64
CA THR B 45 -35.73 -25.68 1.15
CA THR B 45 -35.76 -25.74 1.35
C THR B 45 -37.21 -25.33 1.34
N GLN B 46 -38.04 -25.94 0.50
CA GLN B 46 -39.52 -25.82 0.58
C GLN B 46 -40.03 -25.96 2.03
N GLY B 47 -40.81 -24.98 2.47
CA GLY B 47 -41.43 -24.95 3.80
C GLY B 47 -40.52 -24.30 4.85
N SER B 48 -39.28 -23.94 4.51
CA SER B 48 -38.33 -23.41 5.51
C SER B 48 -38.73 -21.99 5.87
N PRO B 49 -38.46 -21.55 7.11
CA PRO B 49 -38.73 -20.17 7.46
C PRO B 49 -38.03 -19.16 6.53
N GLU B 50 -36.76 -19.42 6.16
CA GLU B 50 -36.04 -18.43 5.33
C GLU B 50 -36.69 -18.37 3.94
N ARG B 51 -37.17 -19.48 3.41
CA ARG B 51 -37.79 -19.43 2.07
C ARG B 51 -39.13 -18.70 2.17
N ASP B 52 -39.89 -18.94 3.23
CA ASP B 52 -41.18 -18.21 3.40
C ASP B 52 -40.93 -16.71 3.56
N ALA B 53 -39.93 -16.34 4.35
CA ALA B 53 -39.63 -14.91 4.60
C ALA B 53 -39.18 -14.24 3.31
N LEU B 54 -38.35 -14.94 2.56
CA LEU B 54 -37.84 -14.39 1.28
C LEU B 54 -39.00 -14.22 0.32
N GLN B 55 -39.89 -15.20 0.20
CA GLN B 55 -41.03 -15.04 -0.73
C GLN B 55 -41.90 -13.85 -0.30
N LYS B 56 -42.09 -13.64 1.00
CA LYS B 56 -42.89 -12.49 1.48
C LYS B 56 -42.17 -11.17 1.15
N ALA B 57 -40.85 -11.11 1.33
CA ALA B 57 -40.09 -9.87 1.03
C ALA B 57 -40.12 -9.60 -0.48
N LEU B 58 -40.05 -10.63 -1.32
CA LEU B 58 -40.14 -10.47 -2.80
C LEU B 58 -41.54 -9.93 -3.17
N LYS B 59 -42.57 -10.51 -2.58
CA LYS B 59 -43.96 -10.04 -2.85
C LYS B 59 -44.07 -8.56 -2.42
N ASP B 60 -43.42 -8.14 -1.35
CA ASP B 60 -43.43 -6.73 -0.83
C ASP B 60 -42.78 -5.74 -1.81
N LEU B 61 -41.91 -6.17 -2.72
CA LEU B 61 -41.21 -5.28 -3.69
C LEU B 61 -41.97 -5.24 -5.02
N LYS B 62 -42.76 -6.29 -5.32
CA LYS B 62 -43.44 -6.39 -6.62
C LYS B 62 -44.37 -5.19 -6.78
N GLY B 63 -44.25 -4.50 -7.88
CA GLY B 63 -45.12 -3.34 -8.12
C GLY B 63 -44.80 -2.16 -7.18
N ARG B 64 -43.65 -2.11 -6.51
CA ARG B 64 -43.33 -0.99 -5.60
C ARG B 64 -42.02 -0.34 -6.04
N MET B 65 -41.91 0.93 -5.76
CA MET B 65 -40.71 1.75 -6.05
C MET B 65 -40.34 2.53 -4.81
N GLU B 66 -39.05 2.66 -4.53
CA GLU B 66 -38.53 3.50 -3.45
C GLU B 66 -37.85 4.73 -4.03
N ALA B 67 -38.10 5.89 -3.46
CA ALA B 67 -37.40 7.15 -3.76
C ALA B 67 -36.19 7.24 -2.84
N ILE B 68 -35.00 7.06 -3.43
CA ILE B 68 -33.71 6.99 -2.68
C ILE B 68 -32.98 8.31 -2.88
N PRO B 69 -32.82 9.09 -1.80
CA PRO B 69 -32.15 10.38 -1.89
C PRO B 69 -30.63 10.22 -1.80
N CYS B 70 -29.88 11.26 -2.14
CA CYS B 70 -28.51 11.36 -1.66
C CYS B 70 -28.60 11.64 -0.17
N VAL B 71 -27.63 11.17 0.62
CA VAL B 71 -27.60 11.40 2.07
C VAL B 71 -26.27 12.06 2.41
N VAL B 72 -26.35 13.27 2.92
CA VAL B 72 -25.17 14.02 3.41
C VAL B 72 -25.44 14.31 4.86
N GLY B 73 -24.67 13.72 5.75
CA GLY B 73 -24.99 13.75 7.18
C GLY B 73 -26.26 12.97 7.41
N ASP B 74 -27.27 13.65 7.94
CA ASP B 74 -28.63 13.06 8.07
C ASP B 74 -29.59 13.71 7.06
N GLU B 75 -29.12 14.60 6.21
CA GLU B 75 -29.99 15.30 5.25
C GLU B 75 -30.24 14.41 4.03
N GLU B 76 -31.50 14.22 3.67
CA GLU B 76 -31.92 13.59 2.41
C GLU B 76 -31.94 14.68 1.37
N VAL B 77 -31.10 14.63 0.35
CA VAL B 77 -30.97 15.69 -0.67
C VAL B 77 -31.38 15.14 -2.01
N TRP B 78 -32.19 15.91 -2.72
CA TRP B 78 -32.62 15.63 -4.11
C TRP B 78 -32.06 16.69 -5.03
N THR B 79 -31.51 16.28 -6.15
CA THR B 79 -31.12 17.17 -7.26
C THR B 79 -32.16 17.00 -8.36
N SER B 80 -32.00 17.74 -9.43
CA SER B 80 -32.92 17.66 -10.58
C SER B 80 -32.59 16.53 -11.55
N ASP B 81 -31.42 15.90 -11.42
CA ASP B 81 -30.92 14.88 -12.36
C ASP B 81 -31.39 13.52 -11.86
N VAL B 82 -32.67 13.26 -12.03
CA VAL B 82 -33.33 12.03 -11.53
C VAL B 82 -33.01 10.85 -12.44
N GLN B 83 -32.86 9.69 -11.80
CA GLN B 83 -32.53 8.41 -12.46
C GLN B 83 -33.45 7.31 -11.91
N TYR B 84 -33.59 6.24 -12.68
CA TYR B 84 -34.37 5.08 -12.24
C TYR B 84 -33.54 3.83 -12.36
N GLN B 85 -33.70 2.98 -11.36
CA GLN B 85 -33.23 1.58 -11.41
C GLN B 85 -34.41 0.70 -11.79
N VAL B 86 -34.15 -0.21 -12.71
CA VAL B 86 -35.18 -1.18 -13.16
C VAL B 86 -34.75 -2.59 -12.83
N SER B 87 -35.70 -3.51 -12.81
CA SER B 87 -35.41 -4.93 -12.59
CA SER B 87 -35.45 -4.96 -12.60
C SER B 87 -34.82 -5.52 -13.87
N PRO B 88 -33.62 -6.13 -13.85
CA PRO B 88 -33.01 -6.59 -15.08
C PRO B 88 -33.87 -7.60 -15.86
N PHE B 89 -34.65 -8.41 -15.17
CA PHE B 89 -35.47 -9.47 -15.80
C PHE B 89 -36.84 -8.94 -16.17
N ASN B 90 -37.18 -7.71 -15.81
CA ASN B 90 -38.47 -7.08 -16.15
C ASN B 90 -38.23 -5.57 -16.21
N HIS B 91 -37.59 -5.09 -17.26
CA HIS B 91 -37.02 -3.72 -17.26
C HIS B 91 -38.15 -2.67 -17.33
N GLY B 92 -39.40 -3.07 -17.56
CA GLY B 92 -40.55 -2.15 -17.35
C GLY B 92 -40.82 -1.84 -15.90
N HIS B 93 -40.31 -2.62 -14.94
CA HIS B 93 -40.52 -2.39 -13.49
C HIS B 93 -39.41 -1.46 -12.98
N LYS B 94 -39.78 -0.23 -12.65
CA LYS B 94 -38.90 0.70 -11.93
C LYS B 94 -38.92 0.32 -10.48
N VAL B 95 -37.78 -0.04 -9.92
CA VAL B 95 -37.70 -0.49 -8.51
C VAL B 95 -37.23 0.66 -7.63
N ALA B 96 -36.58 1.67 -8.21
CA ALA B 96 -36.13 2.82 -7.41
C ALA B 96 -36.03 4.08 -8.27
N LYS B 97 -36.30 5.19 -7.64
CA LYS B 97 -35.98 6.53 -8.19
C LYS B 97 -34.86 7.08 -7.34
N PHE B 98 -33.83 7.63 -7.98
CA PHE B 98 -32.71 8.24 -7.24
C PHE B 98 -32.27 9.47 -8.02
N CYS B 99 -31.19 10.09 -7.58
CA CYS B 99 -30.70 11.24 -8.34
C CYS B 99 -29.19 11.31 -8.23
N TYR B 100 -28.60 12.01 -9.17
CA TYR B 100 -27.14 12.16 -9.17
C TYR B 100 -26.73 13.41 -8.43
N ALA B 101 -25.77 13.25 -7.54
CA ALA B 101 -25.08 14.39 -6.90
C ALA B 101 -24.28 15.13 -7.97
N ASP B 102 -24.36 16.44 -7.98
CA ASP B 102 -23.50 17.23 -8.87
C ASP B 102 -22.26 17.72 -8.12
N LYS B 103 -21.42 18.47 -8.81
CA LYS B 103 -20.14 18.96 -8.21
C LYS B 103 -20.43 19.68 -6.90
N SER B 104 -21.43 20.55 -6.84
CA SER B 104 -21.77 21.32 -5.63
C SER B 104 -22.07 20.38 -4.45
N LEU B 105 -22.96 19.41 -4.67
CA LEU B 105 -23.39 18.55 -3.55
C LEU B 105 -22.20 17.67 -3.11
N LEU B 106 -21.41 17.20 -4.07
CA LEU B 106 -20.25 16.35 -3.71
C LEU B 106 -19.27 17.15 -2.86
N ASN B 107 -19.03 18.42 -3.21
CA ASN B 107 -18.07 19.24 -2.45
C ASN B 107 -18.65 19.52 -1.07
N LYS B 108 -19.97 19.72 -0.96
CA LYS B 108 -20.61 19.86 0.35
C LYS B 108 -20.44 18.58 1.20
N ALA B 109 -20.60 17.42 0.56
CA ALA B 109 -20.44 16.14 1.25
C ALA B 109 -19.00 15.97 1.73
N ILE B 110 -18.02 16.37 0.93
CA ILE B 110 -16.60 16.31 1.34
C ILE B 110 -16.40 17.16 2.58
N GLU B 111 -16.86 18.43 2.52
CA GLU B 111 -16.62 19.35 3.64
C GLU B 111 -17.23 18.79 4.92
N ALA B 112 -18.45 18.28 4.85
CA ALA B 112 -19.13 17.77 6.05
C ALA B 112 -18.45 16.50 6.57
N ALA B 113 -18.01 15.63 5.68
CA ALA B 113 -17.26 14.43 6.11
C ALA B 113 -15.97 14.85 6.81
N LEU B 114 -15.23 15.78 6.24
CA LEU B 114 -13.95 16.15 6.85
C LEU B 114 -14.19 16.72 8.25
N ALA B 115 -15.28 17.46 8.44
CA ALA B 115 -15.58 18.11 9.73
C ALA B 115 -15.99 17.07 10.78
N ALA B 116 -16.30 15.83 10.38
CA ALA B 116 -16.67 14.74 11.30
C ALA B 116 -15.50 13.80 11.55
N ARG B 117 -14.45 13.89 10.75
CA ARG B 117 -13.42 12.82 10.74
C ARG B 117 -12.61 12.74 12.04
N LYS B 118 -12.15 13.86 12.55
CA LYS B 118 -11.22 13.78 13.71
C LYS B 118 -11.91 13.06 14.86
N GLU B 119 -13.15 13.40 15.13
CA GLU B 119 -13.90 12.76 16.22
C GLU B 119 -14.02 11.25 15.98
N TRP B 120 -14.40 10.89 14.77
CA TRP B 120 -14.57 9.47 14.41
C TRP B 120 -13.25 8.70 14.51
N ASP B 121 -12.16 9.29 14.05
CA ASP B 121 -10.84 8.64 14.11
C ASP B 121 -10.40 8.46 15.56
N LEU B 122 -10.79 9.37 16.44
CA LEU B 122 -10.44 9.25 17.88
C LEU B 122 -11.38 8.31 18.61
N LYS B 123 -12.51 7.95 18.03
CA LYS B 123 -13.40 6.95 18.67
C LYS B 123 -12.66 5.63 18.72
N PRO B 124 -12.59 4.92 19.86
CA PRO B 124 -11.84 3.68 19.94
C PRO B 124 -12.33 2.65 18.91
N ILE B 125 -11.40 1.92 18.32
CA ILE B 125 -11.74 0.88 17.32
C ILE B 125 -12.78 -0.10 17.88
N ALA B 126 -12.74 -0.45 19.15
CA ALA B 126 -13.75 -1.43 19.63
C ALA B 126 -15.14 -0.83 19.44
N ASP B 127 -15.31 0.48 19.60
CA ASP B 127 -16.62 1.16 19.49
C ASP B 127 -17.01 1.27 18.02
N ARG B 128 -16.05 1.58 17.14
CA ARG B 128 -16.37 1.61 15.71
C ARG B 128 -16.74 0.20 15.26
N ALA B 129 -16.02 -0.81 15.73
CA ALA B 129 -16.30 -2.21 15.34
C ALA B 129 -17.73 -2.58 15.74
N GLN B 130 -18.18 -2.14 16.92
CA GLN B 130 -19.48 -2.58 17.45
C GLN B 130 -20.57 -2.18 16.46
N ILE B 131 -20.46 -1.04 15.80
CA ILE B 131 -21.50 -0.63 14.82
C ILE B 131 -21.57 -1.67 13.71
N PHE B 132 -20.42 -2.09 13.19
CA PHE B 132 -20.41 -3.09 12.09
C PHE B 132 -20.89 -4.44 12.56
N LEU B 133 -20.58 -4.81 13.80
CA LEU B 133 -21.07 -6.11 14.32
C LEU B 133 -22.58 -6.05 14.49
N LYS B 134 -23.13 -4.95 14.96
CA LYS B 134 -24.60 -4.81 15.05
C LYS B 134 -25.21 -4.87 13.65
N ALA B 135 -24.61 -4.23 12.64
CA ALA B 135 -25.14 -4.27 11.28
C ALA B 135 -25.11 -5.72 10.80
N ALA B 136 -24.06 -6.43 11.10
CA ALA B 136 -23.95 -7.85 10.72
C ALA B 136 -25.09 -8.68 11.34
N ASP B 137 -25.40 -8.41 12.60
CA ASP B 137 -26.51 -9.14 13.28
C ASP B 137 -27.83 -8.82 12.61
N MET B 138 -28.05 -7.57 12.21
CA MET B 138 -29.28 -7.19 11.53
C MET B 138 -29.39 -7.91 10.18
N LEU B 139 -28.31 -7.91 9.40
CA LEU B 139 -28.33 -8.59 8.09
C LEU B 139 -28.55 -10.09 8.26
N SER B 140 -28.03 -10.68 9.31
CA SER B 140 -28.12 -12.13 9.54
C SER B 140 -29.58 -12.53 9.82
N GLY B 141 -30.23 -11.74 10.64
CA GLY B 141 -31.56 -12.06 11.21
C GLY B 141 -32.66 -11.26 10.56
N PRO B 142 -33.06 -10.13 11.14
CA PRO B 142 -34.31 -9.48 10.77
C PRO B 142 -34.30 -8.85 9.39
N ARG B 143 -33.14 -8.50 8.84
CA ARG B 143 -33.09 -7.80 7.53
C ARG B 143 -32.59 -8.74 6.44
N ARG B 144 -32.43 -10.03 6.71
CA ARG B 144 -31.88 -10.96 5.72
C ARG B 144 -32.81 -11.03 4.51
N ALA B 145 -34.09 -11.29 4.73
CA ALA B 145 -35.03 -11.49 3.62
C ALA B 145 -35.07 -10.21 2.78
N GLU B 146 -35.13 -9.03 3.42
CA GLU B 146 -35.15 -7.73 2.71
C GLU B 146 -33.91 -7.57 1.82
N ILE B 147 -32.72 -7.79 2.37
CA ILE B 147 -31.49 -7.48 1.58
C ILE B 147 -31.37 -8.50 0.45
N LEU B 148 -31.76 -9.73 0.66
CA LEU B 148 -31.76 -10.74 -0.42
C LEU B 148 -32.76 -10.32 -1.50
N ALA B 149 -33.98 -9.99 -1.10
CA ALA B 149 -35.03 -9.67 -2.07
C ALA B 149 -34.62 -8.44 -2.88
N LYS B 150 -34.06 -7.42 -2.27
CA LYS B 150 -33.66 -6.22 -3.02
C LYS B 150 -32.51 -6.52 -3.98
N THR B 151 -31.63 -7.43 -3.64
CA THR B 151 -30.53 -7.86 -4.51
C THR B 151 -31.09 -8.69 -5.66
N MET B 152 -32.06 -9.56 -5.38
CA MET B 152 -32.73 -10.36 -6.45
C MET B 152 -33.46 -9.42 -7.43
N VAL B 153 -34.34 -8.58 -6.94
CA VAL B 153 -35.23 -7.77 -7.83
C VAL B 153 -34.46 -6.64 -8.51
N GLY B 154 -33.47 -6.07 -7.83
CA GLY B 154 -32.72 -4.93 -8.37
C GLY B 154 -31.56 -5.33 -9.23
N GLN B 155 -30.89 -6.43 -8.91
CA GLN B 155 -29.66 -6.85 -9.64
C GLN B 155 -29.88 -8.14 -10.43
N GLY B 156 -31.01 -8.80 -10.26
CA GLY B 156 -31.31 -10.01 -11.07
C GLY B 156 -30.70 -11.28 -10.53
N LYS B 157 -30.29 -11.31 -9.27
CA LYS B 157 -29.72 -12.53 -8.68
C LYS B 157 -30.80 -13.56 -8.35
N THR B 158 -30.39 -14.81 -8.44
CA THR B 158 -31.21 -15.91 -7.88
C THR B 158 -31.06 -15.94 -6.36
N VAL B 159 -31.90 -16.76 -5.73
CA VAL B 159 -31.89 -16.87 -4.25
C VAL B 159 -30.46 -17.10 -3.78
N ILE B 160 -29.82 -18.17 -4.29
CA ILE B 160 -28.53 -18.57 -3.68
C ILE B 160 -27.46 -17.52 -3.96
N GLN B 161 -27.49 -16.89 -5.14
CA GLN B 161 -26.49 -15.85 -5.41
C GLN B 161 -26.72 -14.64 -4.52
N ALA B 162 -27.95 -14.31 -4.23
CA ALA B 162 -28.23 -13.23 -3.27
C ALA B 162 -27.76 -13.64 -1.86
N GLU B 163 -28.04 -14.88 -1.44
CA GLU B 163 -27.66 -15.37 -0.10
C GLU B 163 -26.16 -15.33 0.11
N ILE B 164 -25.36 -15.75 -0.87
CA ILE B 164 -23.90 -15.80 -0.62
C ILE B 164 -23.29 -14.40 -0.66
N ASP B 165 -23.99 -13.45 -1.27
CA ASP B 165 -23.51 -12.07 -1.44
C ASP B 165 -24.04 -11.19 -0.31
N ALA B 166 -25.31 -10.81 -0.41
CA ALA B 166 -25.89 -9.73 0.39
C ALA B 166 -25.98 -10.15 1.86
N ALA B 167 -26.14 -11.44 2.12
CA ALA B 167 -26.10 -11.94 3.51
C ALA B 167 -24.66 -12.38 3.80
N ALA B 168 -24.28 -13.58 3.36
CA ALA B 168 -23.08 -14.22 3.92
C ALA B 168 -21.83 -13.37 3.72
N GLU B 169 -21.51 -13.00 2.49
CA GLU B 169 -20.24 -12.28 2.27
C GLU B 169 -20.27 -10.95 3.02
N LEU B 170 -21.36 -10.20 2.96
CA LEU B 170 -21.37 -8.87 3.61
C LEU B 170 -21.22 -9.02 5.13
N ILE B 171 -21.96 -9.96 5.70
CA ILE B 171 -21.87 -10.26 7.13
C ILE B 171 -20.44 -10.63 7.50
N ASP B 172 -19.84 -11.48 6.68
CA ASP B 172 -18.46 -11.94 6.95
C ASP B 172 -17.49 -10.78 6.81
N PHE B 173 -17.62 -9.92 5.81
CA PHE B 173 -16.70 -8.77 5.76
C PHE B 173 -16.81 -7.95 7.02
N PHE B 174 -18.04 -7.69 7.46
CA PHE B 174 -18.19 -6.85 8.65
C PHE B 174 -17.61 -7.55 9.89
N ARG B 175 -17.87 -8.84 10.11
CA ARG B 175 -17.39 -9.51 11.35
CA ARG B 175 -17.39 -9.45 11.36
C ARG B 175 -15.88 -9.69 11.27
N PHE B 176 -15.38 -10.18 10.14
CA PHE B 176 -13.94 -10.49 10.04
C PHE B 176 -13.12 -9.20 10.06
N ASN B 177 -13.54 -8.17 9.32
CA ASN B 177 -12.73 -6.94 9.33
C ASN B 177 -12.72 -6.33 10.72
N ALA B 178 -13.84 -6.43 11.44
CA ALA B 178 -13.91 -5.95 12.85
C ALA B 178 -12.89 -6.72 13.69
N LYS B 179 -12.82 -8.04 13.52
CA LYS B 179 -11.86 -8.88 14.27
C LYS B 179 -10.45 -8.43 13.90
N TYR B 180 -10.16 -8.30 12.62
CA TYR B 180 -8.78 -7.97 12.22
C TYR B 180 -8.39 -6.61 12.78
N ALA B 181 -9.29 -5.64 12.79
CA ALA B 181 -9.00 -4.26 13.25
C ALA B 181 -8.74 -4.25 14.75
N VAL B 182 -9.53 -4.99 15.53
CA VAL B 182 -9.26 -5.05 16.99
C VAL B 182 -7.95 -5.81 17.23
N GLU B 183 -7.65 -6.84 16.49
CA GLU B 183 -6.41 -7.61 16.70
C GLU B 183 -5.19 -6.77 16.31
N LEU B 184 -5.32 -5.89 15.32
CA LEU B 184 -4.21 -5.04 14.83
C LEU B 184 -3.72 -4.16 15.97
N GLU B 185 -4.60 -3.70 16.84
CA GLU B 185 -4.17 -2.88 18.01
C GLU B 185 -3.11 -3.61 18.82
N GLY B 186 -3.16 -4.93 18.90
CA GLY B 186 -2.15 -5.68 19.67
C GLY B 186 -0.78 -5.76 19.02
N GLN B 187 -0.61 -5.33 17.77
CA GLN B 187 0.69 -5.35 17.10
C GLN B 187 1.41 -4.06 17.52
N GLN B 188 2.29 -4.19 18.48
CA GLN B 188 2.93 -3.06 19.19
C GLN B 188 4.43 -3.31 19.19
N PRO B 189 5.19 -2.20 19.14
CA PRO B 189 6.63 -2.26 19.15
C PRO B 189 7.21 -2.63 20.52
N ILE B 190 8.50 -2.90 20.50
CA ILE B 190 9.35 -3.19 21.68
C ILE B 190 9.59 -1.90 22.43
N SER B 191 9.66 -1.96 23.75
CA SER B 191 10.10 -0.85 24.63
C SER B 191 11.35 -1.32 25.37
N VAL B 192 12.32 -0.44 25.47
CA VAL B 192 13.59 -0.67 26.20
C VAL B 192 13.75 0.54 27.11
N PRO B 193 14.13 0.37 28.40
CA PRO B 193 14.33 1.53 29.25
C PRO B 193 15.34 2.48 28.60
N PRO B 194 15.18 3.83 28.72
CA PRO B 194 14.19 4.47 29.58
C PRO B 194 12.87 4.95 28.93
N SER B 195 12.44 4.23 27.90
CA SER B 195 11.34 4.71 27.03
C SER B 195 10.27 3.66 26.80
N THR B 196 9.09 4.15 26.50
CA THR B 196 7.91 3.34 26.20
C THR B 196 7.41 3.70 24.81
N ASN B 197 7.25 2.72 23.96
CA ASN B 197 6.83 2.92 22.55
C ASN B 197 5.43 2.38 22.35
N SER B 198 4.67 3.01 21.48
CA SER B 198 3.32 2.53 21.16
C SER B 198 3.01 2.92 19.72
N THR B 199 2.17 2.13 19.09
CA THR B 199 1.63 2.41 17.74
C THR B 199 0.17 2.79 17.86
N VAL B 200 -0.20 3.88 17.23
CA VAL B 200 -1.57 4.40 17.13
C VAL B 200 -2.00 4.20 15.68
N TYR B 201 -3.03 3.41 15.45
CA TYR B 201 -3.48 3.10 14.07
C TYR B 201 -4.45 4.16 13.61
N ARG B 202 -3.94 5.31 13.24
CA ARG B 202 -4.72 6.46 12.74
C ARG B 202 -5.40 6.05 11.43
N GLY B 203 -6.60 6.57 11.24
CA GLY B 203 -7.19 6.61 9.90
C GLY B 203 -6.37 7.52 8.98
N LEU B 204 -6.64 7.44 7.69
CA LEU B 204 -6.04 8.38 6.73
C LEU B 204 -6.63 9.77 6.94
N GLU B 205 -5.83 10.81 6.72
CA GLU B 205 -6.26 12.21 6.86
C GLU B 205 -6.77 12.70 5.53
N GLY B 206 -8.04 13.03 5.47
CA GLY B 206 -8.73 13.42 4.23
C GLY B 206 -10.00 12.58 4.14
N PHE B 207 -10.52 12.41 2.94
CA PHE B 207 -11.69 11.53 2.72
C PHE B 207 -11.31 10.46 1.69
N VAL B 208 -11.98 9.32 1.79
CA VAL B 208 -11.86 8.20 0.84
C VAL B 208 -13.08 8.20 -0.07
N ALA B 209 -12.85 8.02 -1.35
CA ALA B 209 -13.94 7.81 -2.34
C ALA B 209 -14.12 6.31 -2.55
N ALA B 210 -15.31 5.78 -2.29
CA ALA B 210 -15.64 4.37 -2.49
C ALA B 210 -16.55 4.28 -3.71
N ILE B 211 -16.11 3.54 -4.72
CA ILE B 211 -16.80 3.40 -6.02
C ILE B 211 -17.10 1.94 -6.24
N SER B 212 -18.36 1.54 -6.08
CA SER B 212 -18.71 0.12 -6.00
C SER B 212 -19.40 -0.34 -7.27
N PRO B 213 -19.35 -1.66 -7.53
CA PRO B 213 -19.88 -2.21 -8.78
C PRO B 213 -21.31 -2.72 -8.62
N PHE B 214 -21.94 -3.03 -9.72
CA PHE B 214 -23.34 -3.48 -9.71
C PHE B 214 -23.46 -4.88 -9.15
N ASN B 215 -22.44 -5.72 -9.21
CA ASN B 215 -22.64 -7.18 -9.27
C ASN B 215 -22.61 -7.81 -7.91
N PHE B 216 -22.17 -7.13 -6.86
CA PHE B 216 -22.19 -7.69 -5.50
C PHE B 216 -22.60 -6.61 -4.53
N THR B 217 -23.76 -6.80 -3.91
CA THR B 217 -24.17 -5.93 -2.79
C THR B 217 -23.08 -5.84 -1.74
N ALA B 218 -22.47 -6.95 -1.40
CA ALA B 218 -21.46 -7.00 -0.34
C ALA B 218 -20.28 -6.09 -0.63
N ILE B 219 -19.90 -5.98 -1.90
CA ILE B 219 -18.62 -5.26 -2.22
C ILE B 219 -18.81 -3.79 -1.92
N GLY B 220 -19.97 -3.23 -2.17
CA GLY B 220 -20.23 -1.84 -1.77
C GLY B 220 -20.10 -1.66 -0.28
N GLY B 221 -20.67 -2.59 0.48
CA GLY B 221 -20.58 -2.55 1.93
C GLY B 221 -19.13 -2.56 2.38
N ASN B 222 -18.30 -3.39 1.77
CA ASN B 222 -16.88 -3.47 2.14
C ASN B 222 -16.09 -2.24 1.67
N LEU B 223 -16.33 -1.78 0.46
CA LEU B 223 -15.50 -0.67 -0.10
C LEU B 223 -15.70 0.58 0.73
N ALA B 224 -16.92 0.86 1.17
CA ALA B 224 -17.20 2.01 2.04
C ALA B 224 -16.95 1.65 3.51
N GLY B 225 -17.32 0.42 3.91
CA GLY B 225 -17.30 0.02 5.32
C GLY B 225 -15.91 -0.18 5.85
N ALA B 226 -15.03 -0.88 5.12
CA ALA B 226 -13.68 -1.19 5.67
C ALA B 226 -12.92 0.10 5.96
N PRO B 227 -12.88 1.13 5.06
CA PRO B 227 -12.20 2.36 5.40
C PRO B 227 -12.87 3.06 6.59
N ALA B 228 -14.21 3.07 6.61
CA ALA B 228 -14.91 3.74 7.73
C ALA B 228 -14.55 3.06 9.07
N LEU B 229 -14.48 1.74 9.09
CA LEU B 229 -14.13 0.99 10.30
C LEU B 229 -12.78 1.47 10.84
N MET B 230 -11.83 1.76 9.93
CA MET B 230 -10.47 2.15 10.28
C MET B 230 -10.36 3.64 10.56
N GLY B 231 -11.46 4.35 10.77
CA GLY B 231 -11.42 5.74 11.21
C GLY B 231 -11.43 6.73 10.07
N ASN B 232 -11.75 6.27 8.86
CA ASN B 232 -11.90 7.17 7.71
C ASN B 232 -13.33 7.68 7.54
N VAL B 233 -13.43 8.74 6.78
CA VAL B 233 -14.74 9.23 6.26
C VAL B 233 -14.76 9.02 4.75
N VAL B 234 -15.95 8.79 4.24
CA VAL B 234 -16.13 8.16 2.91
C VAL B 234 -17.23 8.87 2.14
N LEU B 235 -16.98 9.18 0.87
CA LEU B 235 -18.04 9.46 -0.11
C LEU B 235 -18.25 8.14 -0.86
N TRP B 236 -19.44 7.55 -0.71
CA TRP B 236 -19.77 6.30 -1.38
C TRP B 236 -20.66 6.57 -2.60
N LYS B 237 -20.13 6.33 -3.78
CA LYS B 237 -20.89 6.34 -5.04
C LYS B 237 -21.26 4.90 -5.32
N PRO B 238 -22.50 4.48 -5.04
CA PRO B 238 -22.93 3.11 -5.35
C PRO B 238 -23.25 3.00 -6.84
N SER B 239 -23.34 1.79 -7.33
CA SER B 239 -23.66 1.52 -8.75
C SER B 239 -25.14 1.79 -8.99
N ASP B 240 -25.44 2.50 -10.04
CA ASP B 240 -26.84 2.82 -10.43
C ASP B 240 -27.73 1.57 -10.44
N THR B 241 -27.22 0.48 -10.98
CA THR B 241 -28.04 -0.74 -11.21
C THR B 241 -28.07 -1.61 -9.96
N ALA B 242 -27.51 -1.16 -8.85
CA ALA B 242 -27.58 -1.83 -7.54
C ALA B 242 -28.10 -0.88 -6.47
N MET B 243 -28.80 0.19 -6.83
CA MET B 243 -29.16 1.27 -5.87
C MET B 243 -29.99 0.75 -4.70
N LEU B 244 -31.05 0.01 -5.03
CA LEU B 244 -32.05 -0.44 -4.02
C LEU B 244 -31.36 -1.19 -2.89
N ALA B 245 -30.56 -2.19 -3.22
CA ALA B 245 -29.86 -2.97 -2.19
C ALA B 245 -28.72 -2.15 -1.55
N SER B 246 -28.06 -1.31 -2.30
CA SER B 246 -26.94 -0.52 -1.73
C SER B 246 -27.51 0.45 -0.68
N TYR B 247 -28.64 1.09 -0.95
CA TYR B 247 -29.23 2.01 0.04
C TYR B 247 -29.69 1.22 1.28
N ALA B 248 -30.16 -0.01 1.08
CA ALA B 248 -30.56 -0.84 2.23
C ALA B 248 -29.34 -1.10 3.14
N VAL B 249 -28.20 -1.38 2.54
CA VAL B 249 -26.94 -1.55 3.31
C VAL B 249 -26.64 -0.25 4.06
N TYR B 250 -26.71 0.88 3.36
CA TYR B 250 -26.43 2.19 4.00
C TYR B 250 -27.36 2.40 5.21
N ARG B 251 -28.66 2.20 5.00
CA ARG B 251 -29.62 2.44 6.11
C ARG B 251 -29.39 1.48 7.28
N ILE B 252 -29.03 0.24 7.01
CA ILE B 252 -28.70 -0.71 8.12
C ILE B 252 -27.48 -0.18 8.88
N LEU B 253 -26.46 0.32 8.20
CA LEU B 253 -25.29 0.87 8.92
C LEU B 253 -25.72 2.07 9.77
N ARG B 254 -26.53 2.96 9.23
CA ARG B 254 -26.95 4.13 10.02
C ARG B 254 -27.79 3.66 11.24
N GLU B 255 -28.67 2.71 11.04
CA GLU B 255 -29.55 2.23 12.14
C GLU B 255 -28.69 1.49 13.18
N ALA B 256 -27.61 0.85 12.77
CA ALA B 256 -26.67 0.17 13.69
C ALA B 256 -25.83 1.17 14.46
N GLY B 257 -25.94 2.46 14.16
CA GLY B 257 -25.28 3.49 14.96
C GLY B 257 -24.20 4.25 14.24
N LEU B 258 -24.02 4.04 12.94
CA LEU B 258 -22.97 4.85 12.27
C LEU B 258 -23.34 6.32 12.38
N PRO B 259 -22.43 7.18 12.89
CA PRO B 259 -22.73 8.62 13.02
C PRO B 259 -22.92 9.29 11.69
N PRO B 260 -23.52 10.48 11.69
CA PRO B 260 -23.65 11.22 10.45
C PRO B 260 -22.27 11.66 9.93
N ASN B 261 -22.20 11.77 8.62
CA ASN B 261 -21.03 12.33 7.89
C ASN B 261 -19.85 11.37 7.87
N ILE B 262 -20.02 10.13 8.25
CA ILE B 262 -18.93 9.12 8.17
C ILE B 262 -18.97 8.44 6.83
N ILE B 263 -20.14 8.05 6.36
CA ILE B 263 -20.35 7.61 4.96
C ILE B 263 -21.42 8.52 4.38
N GLN B 264 -21.07 9.21 3.32
CA GLN B 264 -22.05 10.03 2.56
C GLN B 264 -22.54 9.18 1.40
N PHE B 265 -23.85 9.10 1.23
CA PHE B 265 -24.46 8.25 0.20
C PHE B 265 -24.68 9.12 -1.03
N VAL B 266 -23.83 9.03 -2.03
CA VAL B 266 -23.80 10.02 -3.15
C VAL B 266 -23.69 9.31 -4.47
N PRO B 267 -24.80 8.73 -4.95
CA PRO B 267 -24.88 8.34 -6.36
C PRO B 267 -24.54 9.54 -7.25
N ALA B 268 -23.94 9.27 -8.38
CA ALA B 268 -23.48 10.32 -9.29
C ALA B 268 -23.11 9.71 -10.61
N ASP B 269 -23.03 10.55 -11.64
CA ASP B 269 -22.37 10.16 -12.90
C ASP B 269 -20.92 9.78 -12.63
N GLY B 270 -20.47 8.68 -13.20
CA GLY B 270 -19.13 8.18 -12.91
C GLY B 270 -18.07 9.24 -13.23
N PRO B 271 -18.01 9.78 -14.46
CA PRO B 271 -16.99 10.76 -14.77
C PRO B 271 -17.00 11.99 -13.87
N LEU B 272 -18.16 12.57 -13.62
CA LEU B 272 -18.23 13.73 -12.73
CA LEU B 272 -18.28 13.71 -12.72
C LEU B 272 -17.78 13.35 -11.32
N PHE B 273 -18.22 12.21 -10.79
CA PHE B 273 -17.76 11.83 -9.45
C PHE B 273 -16.21 11.76 -9.43
N GLY B 274 -15.64 11.04 -10.40
CA GLY B 274 -14.19 10.91 -10.48
C GLY B 274 -13.50 12.24 -10.59
N ASP B 275 -14.02 13.13 -11.44
CA ASP B 275 -13.40 14.45 -11.67
C ASP B 275 -13.42 15.20 -10.35
N THR B 276 -14.52 15.12 -9.64
CA THR B 276 -14.70 15.95 -8.45
C THR B 276 -13.80 15.43 -7.31
N VAL B 277 -13.79 14.13 -7.06
CA VAL B 277 -12.99 13.64 -5.91
C VAL B 277 -11.49 13.77 -6.22
N THR B 278 -11.08 13.59 -7.47
CA THR B 278 -9.64 13.67 -7.81
C THR B 278 -9.22 15.13 -7.91
N SER B 279 -10.14 16.09 -7.93
CA SER B 279 -9.81 17.54 -7.91
C SER B 279 -9.75 18.05 -6.46
N SER B 280 -10.20 17.28 -5.46
CA SER B 280 -10.19 17.74 -4.07
C SER B 280 -8.79 17.60 -3.43
N GLU B 281 -8.25 18.67 -2.86
CA GLU B 281 -6.97 18.64 -2.11
C GLU B 281 -7.07 17.66 -0.93
N HIS B 282 -8.27 17.31 -0.51
CA HIS B 282 -8.47 16.45 0.68
C HIS B 282 -8.62 14.96 0.34
N LEU B 283 -8.53 14.54 -0.90
CA LEU B 283 -8.61 13.12 -1.23
C LEU B 283 -7.44 12.39 -0.59
N CYS B 284 -7.73 11.32 0.13
CA CYS B 284 -6.64 10.47 0.69
C CYS B 284 -6.74 9.02 0.23
N GLY B 285 -7.77 8.64 -0.49
CA GLY B 285 -7.87 7.27 -0.98
C GLY B 285 -9.03 7.09 -1.92
N ILE B 286 -8.87 6.12 -2.80
CA ILE B 286 -9.97 5.64 -3.67
C ILE B 286 -10.04 4.14 -3.48
N ASN B 287 -11.22 3.63 -3.18
CA ASN B 287 -11.48 2.19 -3.02
C ASN B 287 -12.44 1.81 -4.12
N PHE B 288 -11.93 1.14 -5.14
CA PHE B 288 -12.64 0.96 -6.42
C PHE B 288 -12.76 -0.52 -6.74
N THR B 289 -13.91 -0.89 -7.29
CA THR B 289 -14.07 -2.18 -7.98
C THR B 289 -14.85 -1.95 -9.25
N GLY B 290 -14.36 -2.49 -10.37
CA GLY B 290 -14.97 -2.26 -11.67
C GLY B 290 -13.97 -2.50 -12.77
N SER B 291 -14.03 -1.70 -13.84
CA SER B 291 -13.22 -1.93 -15.05
C SER B 291 -11.77 -1.47 -14.90
N VAL B 292 -10.86 -2.06 -15.68
CA VAL B 292 -9.44 -1.62 -15.78
C VAL B 292 -9.41 -0.16 -16.24
N PRO B 293 -10.06 0.24 -17.35
CA PRO B 293 -9.85 1.57 -17.86
C PRO B 293 -10.32 2.61 -16.86
N THR B 294 -11.42 2.38 -16.14
CA THR B 294 -11.89 3.41 -15.18
C THR B 294 -10.85 3.59 -14.07
N PHE B 295 -10.34 2.49 -13.55
CA PHE B 295 -9.32 2.57 -12.47
C PHE B 295 -8.09 3.33 -12.98
N LYS B 296 -7.60 2.96 -14.17
CA LYS B 296 -6.40 3.62 -14.73
C LYS B 296 -6.69 5.09 -14.91
N HIS B 297 -7.90 5.45 -15.39
CA HIS B 297 -8.24 6.86 -15.57
C HIS B 297 -8.17 7.62 -14.23
N LEU B 298 -8.73 7.03 -13.18
CA LEU B 298 -8.72 7.68 -11.86
C LEU B 298 -7.25 7.83 -11.39
N TRP B 299 -6.45 6.79 -11.59
CA TRP B 299 -5.03 6.84 -11.20
C TRP B 299 -4.33 7.99 -11.94
N LYS B 300 -4.62 8.16 -13.22
CA LYS B 300 -3.99 9.24 -14.02
CA LYS B 300 -3.99 9.24 -14.02
C LYS B 300 -4.48 10.60 -13.52
N GLN B 301 -5.77 10.70 -13.16
CA GLN B 301 -6.30 11.99 -12.64
C GLN B 301 -5.64 12.39 -11.32
N VAL B 302 -5.44 11.42 -10.44
CA VAL B 302 -4.74 11.67 -9.17
C VAL B 302 -3.32 12.13 -9.47
N ALA B 303 -2.62 11.42 -10.34
CA ALA B 303 -1.22 11.80 -10.63
C ALA B 303 -1.17 13.21 -11.25
N GLN B 304 -2.10 13.54 -12.12
CA GLN B 304 -2.11 14.87 -12.76
C GLN B 304 -2.24 15.94 -11.69
N ASN B 305 -3.01 15.67 -10.61
CA ASN B 305 -3.29 16.69 -9.57
CA ASN B 305 -3.36 16.63 -9.55
C ASN B 305 -2.41 16.50 -8.34
N LEU B 306 -1.32 15.75 -8.48
CA LEU B 306 -0.60 15.27 -7.28
C LEU B 306 -0.08 16.45 -6.46
N ASP B 307 0.28 17.57 -7.08
CA ASP B 307 0.87 18.70 -6.33
C ASP B 307 -0.14 19.35 -5.40
N ARG B 308 -1.44 19.18 -5.60
CA ARG B 308 -2.45 19.87 -4.77
C ARG B 308 -2.87 19.07 -3.54
N PHE B 309 -2.66 17.76 -3.52
CA PHE B 309 -3.17 17.00 -2.37
C PHE B 309 -2.33 17.29 -1.14
N HIS B 310 -2.96 17.25 0.02
CA HIS B 310 -2.26 17.40 1.32
C HIS B 310 -1.47 16.14 1.64
N THR B 311 -1.89 14.98 1.15
CA THR B 311 -1.04 13.77 1.25
C THR B 311 -1.17 12.95 -0.01
N PHE B 312 -0.41 11.87 -0.07
CA PHE B 312 -0.38 10.96 -1.22
C PHE B 312 -1.62 10.07 -1.16
N PRO B 313 -2.59 10.17 -2.09
CA PRO B 313 -3.73 9.28 -2.02
C PRO B 313 -3.35 7.83 -2.25
N ARG B 314 -4.11 6.95 -1.62
CA ARG B 314 -3.93 5.49 -1.73
C ARG B 314 -5.02 4.93 -2.62
N LEU B 315 -4.66 4.36 -3.76
CA LEU B 315 -5.63 3.80 -4.70
C LEU B 315 -5.63 2.30 -4.59
N ALA B 316 -6.80 1.75 -4.40
CA ALA B 316 -7.05 0.31 -4.29
C ALA B 316 -8.04 -0.04 -5.37
N GLY B 317 -7.72 -1.00 -6.23
CA GLY B 317 -8.57 -1.33 -7.38
C GLY B 317 -8.65 -2.82 -7.61
N GLU B 318 -9.87 -3.34 -7.68
CA GLU B 318 -10.14 -4.73 -8.10
CA GLU B 318 -10.19 -4.71 -8.10
C GLU B 318 -10.74 -4.55 -9.51
N CYS B 319 -10.10 -5.05 -10.59
N CYS B 319 -10.08 -5.10 -10.49
CA CYS B 319 -10.28 -4.58 -12.01
CA CYS B 319 -10.64 -4.96 -11.82
C CYS B 319 -10.71 -5.67 -13.04
C CYS B 319 -10.92 -6.38 -12.30
N GLY B 320 -10.96 -6.90 -12.61
N GLY B 320 -10.88 -6.56 -13.60
CA GLY B 320 -11.53 -7.98 -13.43
CA GLY B 320 -11.45 -7.76 -14.19
C GLY B 320 -10.56 -9.09 -13.82
C GLY B 320 -10.50 -8.93 -14.11
N GLY B 321 -11.00 -10.01 -14.69
CA GLY B 321 -10.23 -11.20 -14.99
C GLY B 321 -10.66 -11.80 -16.30
N LYS B 322 -9.81 -12.64 -16.84
CA LYS B 322 -10.20 -13.58 -17.90
C LYS B 322 -9.80 -14.96 -17.43
N ASN B 323 -10.66 -15.54 -16.59
CA ASN B 323 -10.25 -16.64 -15.70
C ASN B 323 -10.35 -17.99 -16.39
N PHE B 324 -9.50 -18.89 -15.99
CA PHE B 324 -9.39 -20.21 -16.66
C PHE B 324 -9.85 -21.35 -15.75
N HIS B 325 -10.32 -22.42 -16.42
CA HIS B 325 -10.36 -23.79 -15.86
C HIS B 325 -9.49 -24.66 -16.77
N PHE B 326 -8.41 -25.18 -16.22
CA PHE B 326 -7.49 -26.04 -17.02
C PHE B 326 -7.73 -27.48 -16.56
N VAL B 327 -8.00 -28.37 -17.54
CA VAL B 327 -8.33 -29.79 -17.28
C VAL B 327 -7.16 -30.64 -17.77
N HIS B 328 -6.68 -31.47 -16.89
CA HIS B 328 -5.74 -32.57 -17.22
C HIS B 328 -6.54 -33.85 -17.51
N ARG B 329 -5.97 -34.72 -18.34
CA ARG B 329 -6.70 -35.95 -18.77
C ARG B 329 -7.07 -36.85 -17.58
N SER B 330 -6.45 -36.70 -16.40
CA SER B 330 -6.72 -37.46 -15.16
C SER B 330 -7.89 -36.87 -14.35
N ALA B 331 -8.52 -35.80 -14.81
CA ALA B 331 -9.55 -35.08 -14.03
C ALA B 331 -10.80 -35.94 -13.78
N ASP B 332 -11.46 -35.65 -12.66
CA ASP B 332 -12.85 -36.09 -12.36
C ASP B 332 -13.78 -35.33 -13.30
N VAL B 333 -14.31 -35.97 -14.31
CA VAL B 333 -15.08 -35.31 -15.39
C VAL B 333 -16.33 -34.64 -14.80
N GLU B 334 -17.07 -35.28 -13.92
CA GLU B 334 -18.31 -34.68 -13.38
C GLU B 334 -17.97 -33.42 -12.57
N SER B 335 -16.89 -33.39 -11.83
CA SER B 335 -16.45 -32.17 -11.11
C SER B 335 -16.13 -31.07 -12.14
N VAL B 336 -15.43 -31.41 -13.22
CA VAL B 336 -15.14 -30.42 -14.28
C VAL B 336 -16.45 -29.85 -14.79
N VAL B 337 -17.42 -30.70 -15.07
CA VAL B 337 -18.68 -30.25 -15.70
C VAL B 337 -19.46 -29.35 -14.74
N SER B 338 -19.69 -29.79 -13.51
CA SER B 338 -20.47 -29.01 -12.51
CA SER B 338 -20.50 -28.99 -12.56
C SER B 338 -19.74 -27.70 -12.20
N GLY B 339 -18.46 -27.80 -11.90
CA GLY B 339 -17.70 -26.62 -11.49
C GLY B 339 -17.63 -25.61 -12.61
N THR B 340 -17.43 -26.03 -13.86
CA THR B 340 -17.35 -25.10 -15.00
C THR B 340 -18.71 -24.47 -15.30
N LEU B 341 -19.79 -25.25 -15.27
CA LEU B 341 -21.13 -24.66 -15.50
C LEU B 341 -21.45 -23.61 -14.43
N ARG B 342 -21.14 -23.88 -13.17
CA ARG B 342 -21.37 -22.86 -12.10
C ARG B 342 -20.44 -21.66 -12.35
N SER B 343 -19.14 -21.87 -12.51
CA SER B 343 -18.20 -20.74 -12.61
C SER B 343 -18.58 -19.89 -13.81
N ALA B 344 -18.90 -20.49 -14.95
CA ALA B 344 -19.12 -19.74 -16.19
C ALA B 344 -20.46 -19.01 -16.19
N PHE B 345 -21.50 -19.60 -15.57
CA PHE B 345 -22.89 -19.17 -15.85
C PHE B 345 -23.62 -18.63 -14.61
N GLU B 346 -23.20 -18.96 -13.38
CA GLU B 346 -23.94 -18.35 -12.26
C GLU B 346 -23.89 -16.84 -12.37
N TYR B 347 -24.99 -16.23 -11.96
CA TYR B 347 -25.22 -14.79 -12.12
C TYR B 347 -24.85 -14.37 -13.54
N GLY B 348 -25.13 -15.21 -14.54
CA GLY B 348 -24.91 -14.83 -15.93
C GLY B 348 -23.45 -14.61 -16.25
N GLY B 349 -22.53 -15.18 -15.49
CA GLY B 349 -21.09 -14.95 -15.69
C GLY B 349 -20.68 -13.53 -15.34
N GLN B 350 -21.47 -12.82 -14.55
CA GLN B 350 -21.19 -11.38 -14.24
C GLN B 350 -20.35 -11.31 -12.97
N LYS B 351 -19.21 -11.95 -13.00
CA LYS B 351 -18.29 -11.96 -11.85
C LYS B 351 -16.88 -11.78 -12.38
N CYS B 352 -16.08 -10.99 -11.68
CA CYS B 352 -14.67 -10.85 -12.05
C CYS B 352 -13.93 -12.18 -11.96
N SER B 353 -14.47 -13.18 -11.25
CA SER B 353 -13.86 -14.49 -10.95
C SER B 353 -14.36 -15.58 -11.90
N ALA B 354 -15.36 -15.30 -12.72
CA ALA B 354 -16.07 -16.32 -13.55
C ALA B 354 -15.14 -16.95 -14.56
N CYS B 355 -15.23 -18.26 -14.70
CA CYS B 355 -14.49 -18.99 -15.76
C CYS B 355 -15.03 -18.58 -17.11
N SER B 356 -14.15 -18.07 -17.98
CA SER B 356 -14.52 -17.74 -19.37
C SER B 356 -13.61 -18.48 -20.36
N ARG B 357 -12.60 -19.19 -19.90
CA ARG B 357 -11.76 -20.00 -20.82
C ARG B 357 -11.54 -21.36 -20.20
N LEU B 358 -12.01 -22.39 -20.92
CA LEU B 358 -11.84 -23.79 -20.52
C LEU B 358 -10.80 -24.43 -21.46
N TYR B 359 -9.84 -25.12 -20.89
CA TYR B 359 -8.79 -25.86 -21.63
C TYR B 359 -9.01 -27.33 -21.37
N VAL B 360 -9.26 -28.09 -22.46
CA VAL B 360 -9.66 -29.52 -22.37
C VAL B 360 -8.72 -30.37 -23.21
N PRO B 361 -8.20 -31.49 -22.70
CA PRO B 361 -7.37 -32.36 -23.54
C PRO B 361 -8.25 -33.10 -24.57
N HIS B 362 -7.70 -33.28 -25.77
CA HIS B 362 -8.39 -33.99 -26.89
C HIS B 362 -9.01 -35.30 -26.39
N SER B 363 -8.31 -36.08 -25.58
CA SER B 363 -8.76 -37.43 -25.14
C SER B 363 -10.09 -37.36 -24.36
N LEU B 364 -10.32 -36.31 -23.55
CA LEU B 364 -11.55 -36.18 -22.72
C LEU B 364 -12.59 -35.32 -23.46
N TRP B 365 -12.27 -34.70 -24.56
CA TRP B 365 -13.18 -33.68 -25.14
C TRP B 365 -14.52 -34.27 -25.54
N PRO B 366 -14.60 -35.40 -26.29
CA PRO B 366 -15.92 -35.93 -26.64
C PRO B 366 -16.80 -36.15 -25.39
N GLN B 367 -16.25 -36.72 -24.35
CA GLN B 367 -16.98 -36.97 -23.08
C GLN B 367 -17.38 -35.63 -22.44
N ILE B 368 -16.46 -34.68 -22.29
CA ILE B 368 -16.80 -33.38 -21.62
C ILE B 368 -17.79 -32.61 -22.48
N LYS B 369 -17.56 -32.53 -23.79
CA LYS B 369 -18.51 -31.85 -24.70
C LYS B 369 -19.92 -32.45 -24.53
N GLY B 370 -20.05 -33.77 -24.60
CA GLY B 370 -21.35 -34.43 -24.46
C GLY B 370 -22.07 -34.00 -23.19
N ARG B 371 -21.35 -34.03 -22.08
CA ARG B 371 -21.89 -33.76 -20.73
C ARG B 371 -22.25 -32.27 -20.65
N LEU B 372 -21.37 -31.39 -21.14
CA LEU B 372 -21.68 -29.93 -21.10
C LEU B 372 -22.94 -29.66 -21.91
N LEU B 373 -23.08 -30.29 -23.07
CA LEU B 373 -24.25 -30.04 -23.94
C LEU B 373 -25.51 -30.63 -23.32
N GLU B 374 -25.43 -31.79 -22.67
CA GLU B 374 -26.62 -32.39 -21.99
CA GLU B 374 -26.57 -32.43 -21.94
C GLU B 374 -27.04 -31.46 -20.84
N GLU B 375 -26.11 -31.04 -20.01
CA GLU B 375 -26.49 -30.21 -18.84
C GLU B 375 -26.95 -28.83 -19.27
N HIS B 376 -26.36 -28.27 -20.32
CA HIS B 376 -26.74 -26.96 -20.90
C HIS B 376 -28.25 -26.94 -21.18
N SER B 377 -28.79 -28.01 -21.75
CA SER B 377 -30.23 -28.07 -22.13
C SER B 377 -31.10 -28.07 -20.86
N ARG B 378 -30.55 -28.36 -19.66
CA ARG B 378 -31.33 -28.40 -18.40
CA ARG B 378 -31.26 -28.45 -18.35
C ARG B 378 -31.17 -27.09 -17.62
N ILE B 379 -30.42 -26.13 -18.14
CA ILE B 379 -30.28 -24.81 -17.45
C ILE B 379 -31.54 -24.00 -17.75
N LYS B 380 -32.22 -23.57 -16.69
CA LYS B 380 -33.38 -22.66 -16.84
C LYS B 380 -32.92 -21.21 -16.65
N VAL B 381 -33.28 -20.36 -17.59
CA VAL B 381 -33.07 -18.90 -17.51
C VAL B 381 -34.44 -18.26 -17.37
N GLY B 382 -34.68 -17.43 -16.37
CA GLY B 382 -35.98 -16.77 -16.28
C GLY B 382 -36.04 -15.82 -15.10
N ASP B 383 -37.24 -15.54 -14.63
CA ASP B 383 -37.51 -14.61 -13.52
C ASP B 383 -37.14 -15.28 -12.21
N PRO B 384 -36.12 -14.78 -11.49
CA PRO B 384 -35.66 -15.47 -10.27
C PRO B 384 -36.57 -15.27 -9.05
N ALA B 385 -37.39 -14.22 -9.07
CA ALA B 385 -38.37 -13.97 -8.01
C ALA B 385 -39.57 -14.89 -8.16
N GLU B 386 -40.02 -15.09 -9.38
CA GLU B 386 -41.27 -15.88 -9.61
CA GLU B 386 -41.26 -15.87 -9.69
C GLU B 386 -40.94 -17.37 -9.78
N ASP B 387 -39.72 -17.72 -10.19
CA ASP B 387 -39.40 -19.13 -10.48
C ASP B 387 -38.07 -19.49 -9.82
N PHE B 388 -38.14 -20.11 -8.64
CA PHE B 388 -36.92 -20.54 -7.91
C PHE B 388 -36.20 -21.70 -8.61
N GLY B 389 -36.79 -22.26 -9.68
CA GLY B 389 -36.07 -23.20 -10.56
C GLY B 389 -35.01 -22.53 -11.42
N THR B 390 -35.01 -21.20 -11.53
CA THR B 390 -34.08 -20.44 -12.41
C THR B 390 -32.64 -20.69 -11.99
N PHE B 391 -31.77 -21.08 -12.92
CA PHE B 391 -30.34 -21.17 -12.59
C PHE B 391 -29.69 -19.80 -12.59
N PHE B 392 -29.98 -18.99 -13.61
CA PHE B 392 -29.55 -17.58 -13.62
C PHE B 392 -30.51 -16.81 -14.47
N SER B 393 -30.52 -15.50 -14.32
CA SER B 393 -31.50 -14.60 -14.93
C SER B 393 -30.81 -13.65 -15.93
N ALA B 394 -31.52 -12.60 -16.28
CA ALA B 394 -31.06 -11.56 -17.21
C ALA B 394 -29.75 -10.95 -16.72
N VAL B 395 -28.97 -10.45 -17.66
CA VAL B 395 -27.79 -9.61 -17.36
C VAL B 395 -28.27 -8.20 -16.96
N ILE B 396 -27.36 -7.38 -16.49
CA ILE B 396 -27.76 -6.28 -15.57
C ILE B 396 -28.50 -5.17 -16.34
N ASP B 397 -28.07 -4.83 -17.54
CA ASP B 397 -28.63 -3.62 -18.19
C ASP B 397 -28.45 -3.68 -19.70
N ALA B 398 -28.98 -2.65 -20.37
CA ALA B 398 -28.97 -2.60 -21.86
C ALA B 398 -27.55 -2.52 -22.39
N LYS B 399 -26.67 -1.76 -21.74
CA LYS B 399 -25.30 -1.59 -22.25
C LYS B 399 -24.60 -2.93 -22.22
N SER B 400 -24.76 -3.69 -21.12
CA SER B 400 -24.14 -5.02 -21.02
C SER B 400 -24.74 -5.95 -22.09
N PHE B 401 -26.04 -5.96 -22.20
CA PHE B 401 -26.74 -6.78 -23.20
C PHE B 401 -26.19 -6.50 -24.62
N ALA B 402 -25.96 -5.23 -24.94
CA ALA B 402 -25.43 -4.85 -26.28
C ALA B 402 -23.99 -5.35 -26.44
N ARG B 403 -23.15 -5.24 -25.41
CA ARG B 403 -21.76 -5.76 -25.49
C ARG B 403 -21.78 -7.28 -25.71
N ILE B 404 -22.64 -7.96 -24.97
CA ILE B 404 -22.64 -9.44 -25.04
C ILE B 404 -23.16 -9.85 -26.42
N LYS B 405 -24.21 -9.18 -26.89
CA LYS B 405 -24.77 -9.45 -28.25
C LYS B 405 -23.67 -9.30 -29.31
N LYS B 406 -22.82 -8.28 -29.18
CA LYS B 406 -21.67 -8.07 -30.12
C LYS B 406 -20.72 -9.27 -30.05
N TRP B 407 -20.46 -9.86 -28.88
CA TRP B 407 -19.63 -11.08 -28.75
C TRP B 407 -20.32 -12.27 -29.40
N LEU B 408 -21.62 -12.43 -29.21
CA LEU B 408 -22.35 -13.57 -29.83
C LEU B 408 -22.31 -13.42 -31.37
N GLU B 409 -22.46 -12.21 -31.88
CA GLU B 409 -22.28 -11.91 -33.34
C GLU B 409 -20.86 -12.28 -33.76
N HIS B 410 -19.84 -11.90 -32.98
CA HIS B 410 -18.41 -12.23 -33.25
C HIS B 410 -18.26 -13.76 -33.34
N ALA B 411 -18.91 -14.53 -32.46
CA ALA B 411 -18.76 -15.99 -32.38
C ALA B 411 -19.39 -16.66 -33.61
N ARG B 412 -20.29 -15.96 -34.30
CA ARG B 412 -20.91 -16.41 -35.58
C ARG B 412 -20.09 -15.93 -36.79
N SER B 413 -19.33 -14.84 -36.66
CA SER B 413 -18.71 -14.09 -37.78
C SER B 413 -17.22 -14.45 -37.93
N SER B 414 -16.67 -15.31 -37.06
CA SER B 414 -15.22 -15.55 -36.91
C SER B 414 -14.90 -17.00 -37.29
N PRO B 415 -13.82 -17.23 -38.09
CA PRO B 415 -13.59 -18.52 -38.72
C PRO B 415 -13.10 -19.55 -37.69
N SER B 416 -12.50 -19.09 -36.60
CA SER B 416 -11.87 -19.96 -35.58
C SER B 416 -12.89 -20.32 -34.49
N LEU B 417 -14.11 -19.79 -34.55
CA LEU B 417 -15.12 -19.97 -33.47
C LEU B 417 -16.33 -20.77 -33.98
N THR B 418 -16.86 -21.61 -33.11
CA THR B 418 -18.08 -22.42 -33.36
C THR B 418 -18.93 -22.33 -32.09
N ILE B 419 -20.14 -21.83 -32.20
CA ILE B 419 -21.12 -21.92 -31.08
C ILE B 419 -21.60 -23.36 -30.95
N LEU B 420 -21.32 -24.00 -29.81
CA LEU B 420 -21.74 -25.38 -29.53
C LEU B 420 -23.13 -25.42 -28.86
N ALA B 421 -23.50 -24.38 -28.13
CA ALA B 421 -24.76 -24.34 -27.36
C ALA B 421 -25.10 -22.87 -27.10
N GLY B 422 -26.38 -22.55 -27.05
CA GLY B 422 -26.87 -21.17 -26.86
C GLY B 422 -26.58 -20.32 -28.07
N GLY B 423 -26.50 -19.01 -27.86
CA GLY B 423 -26.17 -18.03 -28.91
C GLY B 423 -27.27 -17.02 -29.07
N LYS B 424 -28.44 -17.27 -28.48
CA LYS B 424 -29.59 -16.36 -28.61
C LYS B 424 -29.60 -15.33 -27.47
N CYS B 425 -30.26 -14.23 -27.71
CA CYS B 425 -30.57 -13.23 -26.67
C CYS B 425 -31.88 -12.55 -27.05
N ASP B 426 -32.59 -12.04 -26.07
CA ASP B 426 -33.91 -11.41 -26.22
C ASP B 426 -34.07 -10.34 -25.16
N ASP B 427 -34.19 -9.08 -25.55
CA ASP B 427 -34.37 -7.94 -24.61
C ASP B 427 -35.81 -7.44 -24.59
N SER B 428 -36.79 -8.20 -25.05
CA SER B 428 -38.20 -7.74 -25.10
C SER B 428 -38.78 -7.50 -23.69
N VAL B 429 -38.43 -8.33 -22.71
CA VAL B 429 -39.01 -8.27 -21.34
C VAL B 429 -37.91 -7.95 -20.33
N GLY B 430 -36.83 -8.71 -20.37
CA GLY B 430 -35.62 -8.48 -19.56
C GLY B 430 -34.40 -8.54 -20.45
N TYR B 431 -33.22 -8.35 -19.91
CA TYR B 431 -31.96 -8.43 -20.68
C TYR B 431 -31.47 -9.88 -20.74
N PHE B 432 -32.26 -10.75 -21.39
CA PHE B 432 -32.03 -12.20 -21.30
C PHE B 432 -31.05 -12.70 -22.33
N VAL B 433 -30.02 -13.40 -21.90
CA VAL B 433 -28.97 -14.01 -22.75
C VAL B 433 -28.90 -15.48 -22.38
N GLU B 434 -29.01 -16.37 -23.36
CA GLU B 434 -28.86 -17.81 -23.12
C GLU B 434 -27.43 -18.08 -22.70
N PRO B 435 -27.17 -19.12 -21.87
CA PRO B 435 -25.79 -19.53 -21.65
C PRO B 435 -25.21 -19.98 -23.00
N CYS B 436 -24.01 -19.55 -23.28
CA CYS B 436 -23.38 -19.85 -24.60
C CYS B 436 -22.05 -20.53 -24.40
N ILE B 437 -21.81 -21.62 -25.14
CA ILE B 437 -20.53 -22.34 -25.16
C ILE B 437 -19.97 -22.24 -26.57
N VAL B 438 -18.76 -21.72 -26.66
CA VAL B 438 -18.11 -21.37 -27.96
C VAL B 438 -16.81 -22.17 -28.00
N GLU B 439 -16.55 -22.93 -29.05
CA GLU B 439 -15.22 -23.59 -29.20
C GLU B 439 -14.36 -22.67 -30.06
N SER B 440 -13.12 -22.41 -29.61
CA SER B 440 -12.10 -21.68 -30.40
C SER B 440 -11.02 -22.64 -30.86
N LYS B 441 -10.73 -22.64 -32.17
CA LYS B 441 -9.58 -23.40 -32.74
C LYS B 441 -8.29 -22.61 -32.52
N ASP B 442 -8.40 -21.32 -32.20
CA ASP B 442 -7.23 -20.44 -31.94
C ASP B 442 -7.14 -20.11 -30.46
N PRO B 443 -6.08 -20.54 -29.76
CA PRO B 443 -5.96 -20.23 -28.32
C PRO B 443 -5.75 -18.73 -28.05
N GLN B 444 -5.41 -17.94 -29.08
CA GLN B 444 -5.11 -16.50 -28.96
C GLN B 444 -6.29 -15.67 -29.45
N GLU B 445 -7.42 -16.31 -29.78
CA GLU B 445 -8.55 -15.54 -30.33
C GLU B 445 -8.96 -14.47 -29.32
N PRO B 446 -9.40 -13.27 -29.74
CA PRO B 446 -9.88 -12.25 -28.81
C PRO B 446 -10.90 -12.73 -27.76
N ILE B 447 -11.73 -13.70 -28.12
CA ILE B 447 -12.74 -14.25 -27.16
C ILE B 447 -12.03 -14.97 -26.02
N MET B 448 -10.78 -15.42 -26.20
CA MET B 448 -9.99 -16.09 -25.16
C MET B 448 -9.27 -15.05 -24.31
N LYS B 449 -9.33 -13.76 -24.68
CA LYS B 449 -8.51 -12.70 -24.00
C LYS B 449 -9.36 -11.61 -23.34
N GLU B 450 -10.52 -11.22 -23.89
CA GLU B 450 -11.22 -10.00 -23.45
C GLU B 450 -12.33 -10.40 -22.47
N GLU B 451 -12.47 -9.68 -21.38
CA GLU B 451 -13.50 -9.99 -20.36
C GLU B 451 -14.87 -9.59 -20.92
N ILE B 452 -15.83 -10.52 -21.01
CA ILE B 452 -17.18 -10.25 -21.59
C ILE B 452 -18.17 -9.87 -20.47
N PHE B 453 -18.03 -10.47 -19.29
CA PHE B 453 -18.97 -10.18 -18.16
C PHE B 453 -20.39 -10.59 -18.59
N GLY B 454 -20.45 -11.75 -19.21
CA GLY B 454 -21.73 -12.36 -19.62
C GLY B 454 -21.56 -13.86 -19.67
N PRO B 455 -22.65 -14.61 -19.97
CA PRO B 455 -22.62 -16.05 -19.86
C PRO B 455 -22.05 -16.72 -21.12
N VAL B 456 -20.77 -16.53 -21.33
CA VAL B 456 -20.12 -16.94 -22.60
C VAL B 456 -18.82 -17.64 -22.26
N LEU B 457 -18.81 -18.96 -22.42
CA LEU B 457 -17.68 -19.80 -22.08
C LEU B 457 -16.97 -20.16 -23.37
N SER B 458 -15.67 -19.91 -23.43
CA SER B 458 -14.83 -20.27 -24.61
C SER B 458 -14.01 -21.50 -24.26
N VAL B 459 -13.97 -22.46 -25.18
CA VAL B 459 -13.25 -23.74 -25.00
C VAL B 459 -12.15 -23.90 -26.04
N TYR B 460 -10.99 -24.25 -25.55
CA TYR B 460 -9.83 -24.62 -26.39
C TYR B 460 -9.42 -26.04 -26.04
N VAL B 461 -9.41 -26.88 -27.10
CA VAL B 461 -9.07 -28.31 -27.02
C VAL B 461 -7.60 -28.45 -27.43
N TYR B 462 -6.82 -28.95 -26.51
CA TYR B 462 -5.34 -29.03 -26.65
C TYR B 462 -4.95 -30.50 -26.81
N PRO B 463 -3.85 -30.77 -27.54
CA PRO B 463 -3.36 -32.14 -27.63
C PRO B 463 -2.88 -32.65 -26.28
N ASP B 464 -3.28 -33.85 -25.85
CA ASP B 464 -2.86 -34.39 -24.53
C ASP B 464 -1.35 -34.32 -24.32
N ASP B 465 -0.57 -34.63 -25.36
CA ASP B 465 0.91 -34.74 -25.21
C ASP B 465 1.53 -33.35 -25.16
N LYS B 466 0.71 -32.29 -25.23
CA LYS B 466 1.16 -30.88 -25.18
C LYS B 466 0.55 -30.19 -23.94
N TYR B 467 0.30 -30.92 -22.87
CA TYR B 467 -0.34 -30.28 -21.69
C TYR B 467 0.66 -29.28 -21.09
N LYS B 468 1.98 -29.54 -21.11
CA LYS B 468 2.98 -28.61 -20.52
C LYS B 468 3.01 -27.31 -21.32
N GLU B 469 2.99 -27.40 -22.64
CA GLU B 469 2.98 -26.23 -23.53
C GLU B 469 1.67 -25.46 -23.27
N THR B 470 0.57 -26.19 -23.10
CA THR B 470 -0.74 -25.57 -22.88
C THR B 470 -0.77 -24.86 -21.51
N LEU B 471 -0.13 -25.36 -20.47
CA LEU B 471 -0.04 -24.60 -19.19
C LEU B 471 0.63 -23.26 -19.49
N GLN B 472 1.70 -23.24 -20.28
CA GLN B 472 2.36 -21.95 -20.61
C GLN B 472 1.40 -21.04 -21.37
N LEU B 473 0.56 -21.58 -22.27
CA LEU B 473 -0.43 -20.77 -22.99
C LEU B 473 -1.42 -20.17 -21.97
N VAL B 474 -1.86 -20.95 -21.00
CA VAL B 474 -2.79 -20.44 -19.96
C VAL B 474 -2.18 -19.18 -19.35
N ASP B 475 -0.90 -19.28 -19.00
CA ASP B 475 -0.18 -18.20 -18.31
C ASP B 475 0.01 -16.99 -19.22
N SER B 476 0.33 -17.20 -20.50
CA SER B 476 0.75 -16.08 -21.40
C SER B 476 -0.40 -15.42 -22.16
N THR B 477 -1.56 -16.03 -22.26
CA THR B 477 -2.54 -15.58 -23.29
C THR B 477 -3.13 -14.21 -22.97
N THR B 478 -3.51 -13.96 -21.70
CA THR B 478 -4.30 -12.76 -21.34
C THR B 478 -3.44 -11.77 -20.55
N SER B 479 -4.03 -10.61 -20.29
CA SER B 479 -3.39 -9.56 -19.47
C SER B 479 -3.72 -9.72 -17.99
N TYR B 480 -4.55 -10.70 -17.62
CA TYR B 480 -5.15 -10.71 -16.26
C TYR B 480 -4.50 -11.76 -15.38
N GLY B 481 -4.77 -11.66 -14.08
CA GLY B 481 -4.14 -12.51 -13.06
C GLY B 481 -5.05 -12.84 -11.89
N LEU B 482 -6.34 -13.03 -12.14
CA LEU B 482 -7.32 -13.02 -11.02
C LEU B 482 -7.57 -14.46 -10.55
N THR B 483 -8.43 -15.24 -11.20
CA THR B 483 -8.71 -16.59 -10.70
C THR B 483 -8.36 -17.63 -11.76
N GLY B 484 -8.26 -18.85 -11.30
CA GLY B 484 -8.01 -19.98 -12.21
C GLY B 484 -8.07 -21.27 -11.44
N ALA B 485 -8.38 -22.34 -12.16
CA ALA B 485 -8.49 -23.68 -11.54
C ALA B 485 -7.74 -24.69 -12.38
N VAL B 486 -7.17 -25.68 -11.70
CA VAL B 486 -6.68 -26.92 -12.36
CA VAL B 486 -6.63 -26.92 -12.32
C VAL B 486 -7.47 -28.12 -11.82
N PHE B 487 -7.96 -28.92 -12.75
CA PHE B 487 -8.66 -30.19 -12.46
C PHE B 487 -7.71 -31.32 -12.86
N SER B 488 -7.25 -32.05 -11.87
CA SER B 488 -6.30 -33.16 -12.08
C SER B 488 -6.31 -34.06 -10.86
N GLN B 489 -6.41 -35.37 -11.09
CA GLN B 489 -6.19 -36.40 -10.04
C GLN B 489 -4.70 -36.72 -9.94
N ASP B 490 -3.93 -36.38 -10.98
CA ASP B 490 -2.48 -36.64 -11.05
C ASP B 490 -1.81 -35.54 -10.23
N LYS B 491 -1.23 -35.88 -9.09
CA LYS B 491 -0.65 -34.87 -8.16
C LYS B 491 0.63 -34.27 -8.75
N ASP B 492 1.37 -34.99 -9.60
CA ASP B 492 2.58 -34.42 -10.23
C ASP B 492 2.13 -33.26 -11.13
N VAL B 493 1.03 -33.42 -11.85
CA VAL B 493 0.48 -32.37 -12.76
C VAL B 493 0.00 -31.19 -11.89
N VAL B 494 -0.65 -31.48 -10.76
CA VAL B 494 -1.05 -30.37 -9.82
C VAL B 494 0.16 -29.58 -9.41
N GLN B 495 1.25 -30.23 -8.96
CA GLN B 495 2.46 -29.57 -8.43
C GLN B 495 3.06 -28.73 -9.58
N GLU B 496 3.13 -29.31 -10.76
CA GLU B 496 3.67 -28.62 -11.96
C GLU B 496 2.81 -27.41 -12.32
N ALA B 497 1.51 -27.60 -12.45
CA ALA B 497 0.55 -26.53 -12.79
C ALA B 497 0.61 -25.42 -11.74
N THR B 498 0.75 -25.78 -10.47
CA THR B 498 0.78 -24.79 -9.36
C THR B 498 1.99 -23.87 -9.61
N LYS B 499 3.15 -24.44 -9.94
CA LYS B 499 4.38 -23.64 -10.18
C LYS B 499 4.22 -22.80 -11.44
N VAL B 500 3.79 -23.39 -12.55
CA VAL B 500 3.69 -22.66 -13.84
C VAL B 500 2.73 -21.47 -13.68
N LEU B 501 1.60 -21.66 -12.98
CA LEU B 501 0.50 -20.66 -12.94
C LEU B 501 0.59 -19.76 -11.71
N ARG B 502 1.72 -19.70 -11.06
CA ARG B 502 1.92 -18.91 -9.82
C ARG B 502 1.44 -17.48 -9.98
N ASN B 503 1.66 -16.83 -11.11
CA ASN B 503 1.27 -15.42 -11.35
C ASN B 503 0.12 -15.28 -12.32
N ALA B 504 -0.50 -16.39 -12.74
CA ALA B 504 -1.68 -16.37 -13.62
C ALA B 504 -2.98 -16.20 -12.81
N ALA B 505 -2.91 -16.47 -11.52
CA ALA B 505 -4.11 -16.41 -10.65
C ALA B 505 -3.68 -16.06 -9.24
N GLY B 506 -4.27 -14.99 -8.70
CA GLY B 506 -4.11 -14.65 -7.28
C GLY B 506 -5.01 -15.49 -6.39
N ASN B 507 -6.08 -16.02 -6.95
CA ASN B 507 -6.90 -17.05 -6.30
C ASN B 507 -6.90 -18.29 -7.21
N PHE B 508 -6.14 -19.26 -6.77
CA PHE B 508 -5.88 -20.50 -7.52
C PHE B 508 -6.62 -21.64 -6.86
N TYR B 509 -7.23 -22.46 -7.69
CA TYR B 509 -8.12 -23.54 -7.23
C TYR B 509 -7.65 -24.88 -7.78
N ILE B 510 -7.58 -25.87 -6.91
CA ILE B 510 -7.25 -27.26 -7.32
C ILE B 510 -8.48 -28.13 -7.10
N ASN B 511 -9.05 -28.58 -8.20
CA ASN B 511 -10.24 -29.45 -8.25
C ASN B 511 -11.39 -28.71 -7.55
N ASP B 512 -11.50 -27.41 -7.82
CA ASP B 512 -12.73 -26.65 -7.45
C ASP B 512 -12.91 -25.55 -8.47
N LYS B 513 -14.08 -24.94 -8.43
CA LYS B 513 -14.45 -23.86 -9.38
C LYS B 513 -13.76 -22.54 -9.02
N SER B 514 -13.62 -21.68 -10.02
CA SER B 514 -12.84 -20.42 -9.90
C SER B 514 -13.60 -19.30 -9.17
N THR B 515 -14.87 -19.46 -8.89
CA THR B 515 -15.68 -18.44 -8.21
C THR B 515 -15.93 -18.83 -6.75
N GLY B 516 -16.44 -17.87 -5.98
CA GLY B 516 -17.04 -18.13 -4.67
C GLY B 516 -16.06 -18.08 -3.52
N SER B 517 -15.03 -17.24 -3.58
CA SER B 517 -14.13 -17.04 -2.45
C SER B 517 -14.94 -16.74 -1.19
N ILE B 518 -14.48 -17.21 -0.08
CA ILE B 518 -15.14 -17.05 1.24
C ILE B 518 -14.20 -16.26 2.14
N VAL B 519 -14.72 -15.20 2.75
CA VAL B 519 -13.94 -14.33 3.66
C VAL B 519 -13.26 -15.15 4.74
N GLY B 520 -11.98 -14.90 4.96
CA GLY B 520 -11.15 -15.60 5.95
C GLY B 520 -10.61 -16.93 5.49
N GLN B 521 -11.14 -17.49 4.42
CA GLN B 521 -10.75 -18.78 3.84
C GLN B 521 -9.97 -18.58 2.55
N GLN B 522 -10.51 -17.78 1.63
CA GLN B 522 -9.79 -17.41 0.40
C GLN B 522 -9.78 -15.89 0.29
N PRO B 523 -8.87 -15.16 0.97
CA PRO B 523 -8.72 -13.73 0.67
C PRO B 523 -8.58 -13.53 -0.85
N PHE B 524 -9.23 -12.50 -1.37
CA PHE B 524 -9.54 -12.39 -2.82
C PHE B 524 -8.76 -11.25 -3.45
N GLY B 525 -8.18 -11.58 -4.60
CA GLY B 525 -7.56 -10.56 -5.46
C GLY B 525 -6.44 -11.15 -6.29
N GLY B 526 -6.05 -10.40 -7.30
CA GLY B 526 -4.89 -10.78 -8.11
C GLY B 526 -4.23 -9.57 -8.71
N ALA B 527 -3.09 -9.84 -9.31
CA ALA B 527 -2.22 -8.79 -9.92
C ALA B 527 -2.34 -8.88 -11.45
N ARG B 528 -1.23 -8.69 -12.15
CA ARG B 528 -1.27 -8.34 -13.59
C ARG B 528 -2.26 -7.19 -13.76
N ALA B 529 -3.13 -7.24 -14.75
CA ALA B 529 -4.06 -6.12 -14.98
C ALA B 529 -5.28 -6.21 -14.07
N SER B 530 -5.36 -7.23 -13.23
CA SER B 530 -6.54 -7.45 -12.35
C SER B 530 -6.62 -6.48 -11.17
N GLY B 531 -5.58 -5.71 -10.89
CA GLY B 531 -5.70 -4.65 -9.88
C GLY B 531 -4.52 -4.63 -8.96
N THR B 532 -4.68 -4.01 -7.79
CA THR B 532 -3.59 -3.74 -6.82
C THR B 532 -3.39 -4.91 -5.85
N ASN B 533 -4.33 -5.86 -5.80
CA ASN B 533 -4.24 -7.11 -5.01
C ASN B 533 -4.07 -6.80 -3.52
N ASP B 534 -5.03 -6.12 -2.93
CA ASP B 534 -4.99 -5.80 -1.48
C ASP B 534 -5.65 -6.89 -0.65
N LYS B 535 -6.19 -7.92 -1.26
CA LYS B 535 -6.73 -9.12 -0.58
C LYS B 535 -7.79 -8.75 0.48
N PRO B 536 -8.85 -8.06 0.09
CA PRO B 536 -10.02 -8.01 0.94
C PRO B 536 -10.49 -9.45 1.21
N GLY B 537 -10.94 -9.69 2.45
CA GLY B 537 -11.28 -11.04 2.92
C GLY B 537 -10.17 -11.63 3.74
N GLY B 538 -8.99 -11.01 3.77
CA GLY B 538 -7.88 -11.41 4.63
C GLY B 538 -7.51 -10.35 5.65
N PRO B 539 -6.55 -10.62 6.52
CA PRO B 539 -6.21 -9.73 7.61
C PRO B 539 -5.39 -8.50 7.25
N HIS B 540 -4.86 -8.45 6.04
CA HIS B 540 -3.94 -7.34 5.69
C HIS B 540 -4.68 -6.23 4.97
N TYR B 541 -5.86 -6.47 4.43
CA TYR B 541 -6.61 -5.45 3.65
C TYR B 541 -6.76 -4.15 4.44
N ILE B 542 -7.09 -4.24 5.73
CA ILE B 542 -7.37 -3.04 6.55
C ILE B 542 -6.12 -2.18 6.66
N LEU B 543 -4.92 -2.70 6.47
CA LEU B 543 -3.69 -1.92 6.60
C LEU B 543 -3.62 -0.85 5.52
N ARG B 544 -4.34 -0.97 4.41
CA ARG B 544 -4.33 0.08 3.37
C ARG B 544 -5.04 1.31 3.89
N TRP B 545 -5.87 1.17 4.92
CA TRP B 545 -6.75 2.26 5.37
C TRP B 545 -6.33 2.85 6.70
N THR B 546 -5.13 2.53 7.15
CA THR B 546 -4.50 3.16 8.32
C THR B 546 -3.14 3.69 7.95
N SER B 547 -2.79 4.82 8.55
CA SER B 547 -1.49 5.49 8.41
C SER B 547 -0.90 5.60 9.80
N PRO B 548 -0.15 4.59 10.28
CA PRO B 548 0.16 4.56 11.70
C PRO B 548 1.06 5.69 12.19
N GLN B 549 0.88 6.03 13.45
CA GLN B 549 1.75 6.92 14.22
C GLN B 549 2.44 6.09 15.28
N VAL B 550 3.69 6.36 15.54
CA VAL B 550 4.43 5.74 16.66
C VAL B 550 4.82 6.80 17.66
N ILE B 551 4.51 6.55 18.92
CA ILE B 551 4.81 7.46 20.04
C ILE B 551 5.89 6.84 20.89
N LYS B 552 6.92 7.61 21.18
CA LYS B 552 7.98 7.24 22.12
C LYS B 552 7.90 8.21 23.28
N GLU B 553 7.73 7.68 24.48
CA GLU B 553 7.78 8.51 25.69
C GLU B 553 9.00 8.12 26.51
N THR B 554 9.81 9.08 26.84
CA THR B 554 11.03 8.89 27.63
C THR B 554 10.77 9.38 29.05
N HIS B 555 11.18 8.54 30.02
CA HIS B 555 10.76 8.68 31.44
C HIS B 555 11.89 9.28 32.29
N LYS B 556 13.06 9.55 31.73
CA LYS B 556 14.23 10.09 32.48
C LYS B 556 14.70 11.32 31.73
N PRO B 557 15.42 12.26 32.40
CA PRO B 557 15.97 13.41 31.70
C PRO B 557 17.03 12.93 30.71
N LEU B 558 17.28 13.73 29.68
CA LEU B 558 18.19 13.34 28.58
C LEU B 558 19.71 13.47 28.84
N GLY B 559 20.17 14.26 29.77
CA GLY B 559 21.65 14.40 29.87
C GLY B 559 22.29 15.10 28.68
N ASP B 560 23.60 15.04 28.54
CA ASP B 560 24.34 16.06 27.75
C ASP B 560 24.21 15.80 26.25
N TRP B 561 24.38 16.86 25.46
CA TRP B 561 24.32 16.77 23.98
C TRP B 561 25.59 16.08 23.46
N SER B 562 26.72 16.26 24.13
CA SER B 562 28.01 15.64 23.71
CA SER B 562 27.99 15.63 23.67
C SER B 562 27.97 14.14 24.05
N TYR B 563 28.89 13.39 23.49
CA TYR B 563 29.02 11.95 23.75
C TYR B 563 30.36 11.70 24.46
N ALA B 564 30.38 10.64 25.26
CA ALA B 564 31.60 10.29 26.03
C ALA B 564 32.83 10.18 25.12
N TYR B 565 32.72 9.60 23.92
CA TYR B 565 33.90 9.31 23.07
C TYR B 565 34.51 10.62 22.59
N MET B 566 33.76 11.73 22.65
CA MET B 566 34.21 13.04 22.11
C MET B 566 35.14 13.73 23.11
N GLN B 567 35.20 13.21 24.34
CA GLN B 567 35.93 13.90 25.45
C GLN B 567 37.35 13.34 25.48
OAC A1H1O C . 15.52 34.56 -7.97
PAB A1H1O C . 16.08 33.85 -6.61
OAD A1H1O C . 14.86 33.71 -5.52
OAA A1H1O C . 16.65 32.45 -6.79
OAE A1H1O C . 17.18 34.83 -6.19
CAF A1H1O C . 18.18 34.70 -5.18
CAG A1H1O C . 18.00 35.08 -3.82
CBK A1H1O C . 16.92 35.73 -3.06
CBJ A1H1O C . 17.68 36.62 -2.15
CBL A1H1O C . 16.34 34.72 -2.14
CBM A1H1O C . 15.21 33.98 -2.19
CBN A1H1O C . 14.98 33.07 -1.13
CBT A1H1O C . 13.92 32.10 -0.86
CBS A1H1O C . 13.85 32.10 0.65
CBU A1H1O C . 14.45 30.75 -1.09
CBV A1H1O C . 14.29 29.78 -2.07
CBW A1H1O C . 15.01 28.55 -2.03
CBX A1H1O C . 15.96 28.42 -1.02
CBY A1H1O C . 16.12 29.45 -0.06
CBZ A1H1O C . 15.39 30.59 -0.12
CBR A1H1O C . 15.34 31.80 0.68
CBO A1H1O C . 15.93 32.89 -0.16
CBP A1H1O C . 17.06 33.64 -0.19
CBQ A1H1O C . 17.28 34.55 -1.21
CBI A1H1O C . 18.38 35.44 -1.61
CAH A1H1O C . 18.99 34.93 -2.89
CAI A1H1O C . 20.16 34.32 -3.24
OAJ A1H1O C . 21.11 34.10 -2.31
CAO A1H1O C . 20.33 33.92 -4.55
CAP A1H1O C . 19.37 34.08 -5.49
CAQ A1H1O C . 19.97 33.48 -6.71
CAR A1H1O C . 21.31 33.94 -6.60
CAS A1H1O C . 21.43 33.26 -5.24
CAT A1H1O C . 21.10 31.87 -5.61
CAY A1H1O C . 20.17 32.04 -6.56
CAX A1H1O C . 19.59 30.96 -7.18
CAW A1H1O C . 20.00 29.71 -6.82
CAZ A1H1O C . 19.58 28.37 -7.22
CBA A1H1O C . 20.90 27.62 -7.17
CBH A1H1O C . 18.87 27.76 -6.12
CBG A1H1O C . 17.56 27.42 -5.94
CBF A1H1O C . 17.20 26.85 -4.72
CBE A1H1O C . 18.15 26.68 -3.73
CBD A1H1O C . 19.47 27.04 -3.95
CBC A1H1O C . 19.81 27.53 -5.16
CBB A1H1O C . 21.06 28.07 -5.70
CAV A1H1O C . 20.93 29.53 -5.84
CAU A1H1O C . 21.51 30.63 -5.23
C BEZ D . 15.51 9.07 12.28
O1 BEZ D . 16.34 9.95 12.58
O2 BEZ D . 14.54 8.78 12.98
C1 BEZ D . 15.78 8.18 11.07
C2 BEZ D . 14.74 7.46 10.50
C3 BEZ D . 14.94 6.56 9.47
C4 BEZ D . 16.21 6.35 8.99
C5 BEZ D . 17.27 7.04 9.55
C6 BEZ D . 17.06 7.96 10.59
C BEZ E . 42.50 3.09 -12.08
O1 BEZ E . 42.89 1.91 -12.33
O2 BEZ E . 42.55 4.04 -12.91
C1 BEZ E . 41.88 3.43 -10.69
C2 BEZ E . 42.05 2.65 -9.55
C3 BEZ E . 41.43 3.02 -8.35
C4 BEZ E . 40.71 4.17 -8.29
C5 BEZ E . 40.52 4.95 -9.40
C6 BEZ E . 41.14 4.60 -10.60
C BEZ F . -15.55 -14.55 -6.03
O1 BEZ F . -14.55 -15.12 -5.56
O2 BEZ F . -16.41 -15.09 -6.81
C1 BEZ F . -15.82 -13.16 -5.47
C2 BEZ F . -17.12 -12.65 -5.43
C3 BEZ F . -17.36 -11.42 -4.84
C4 BEZ F . -16.35 -10.71 -4.26
C5 BEZ F . -15.06 -11.21 -4.27
C6 BEZ F . -14.81 -12.43 -4.89
C BEZ G . -42.69 10.43 -5.55
O1 BEZ G . -42.45 10.93 -6.66
O2 BEZ G . -43.35 11.06 -4.58
C1 BEZ G . -42.17 9.00 -5.32
C2 BEZ G . -41.42 8.34 -6.29
C3 BEZ G . -40.95 7.05 -6.06
C4 BEZ G . -41.27 6.40 -4.88
C5 BEZ G . -42.00 7.05 -3.92
C6 BEZ G . -42.48 8.33 -4.15
#